data_8UL6
#
_entry.id   8UL6
#
_cell.length_a   118.316
_cell.length_b   178.421
_cell.length_c   234.067
_cell.angle_alpha   90.00
_cell.angle_beta   90.00
_cell.angle_gamma   90.00
#
_symmetry.space_group_name_H-M   'I 2 2 2'
#
loop_
_entity.id
_entity.type
_entity.pdbx_description
1 polymer 'Lysine-specific histone demethylase 1A'
2 polymer 'REST corepressor 1'
3 non-polymer '[(2R,3S,4R,5R)-5-(6-amino-9H-purin-9-yl)-3,4-dihydroxyoxolan-2-yl]methyl (2R,3S,4S)-2,3,4-trihydroxy-5-[(1R,3S,3aS,13R)-1-hydroxy-10,11-dimethyl-3-[3-(methylcarbamoyl)phenyl]-4,6-dioxo-2,3,5,6-tetrahydro-1H-benzo[g]pyrrolo[2,1-e]pteridin-8(4H)-yl]pentyl dihydrogen diphosphate (non-preferred name)'
#
loop_
_entity_poly.entity_id
_entity_poly.type
_entity_poly.pdbx_seq_one_letter_code
_entity_poly.pdbx_strand_id
1 'polypeptide(L)'
;GSSHHHHHHSSGLVPRGSHMLSGKKAAAAAAAAAAAATGTEAGPGTAGGSENGSEVAAQPAGLSGPAEVGPGAVGERTPR
KKEPPRASPPGGLAEPPGSAGPQAGPTVVPGSATPMETGIAETPEGRRTSRRKRAKVEYREMDESLANLSEDEYYSEEER
NAKAEKEKKLPPPPPQAPPEEENESEPEEPSGVEGAAFQSRLPHDRMTSQEAACFPDIISGPQQTQKVFLFIRNRTLQLW
LDNPKIQLTFEATLQQLEAPYNSDTVLVHRVHSYLERHGLINFGIYKRIKPLPTKKTGKVIIIGSGVSGLAAARQLQSFG
MDVTLLEARDRVGGRVATFRKGNYVADLGAMVVTGLGGNPMAVVSKQVNMELAKIKQKCPLYEANGQAVPKEKDEMVEQE
FNRLLEATSYLSHQLDFNVLNNKPVSLGQALEVVIQLQEKHVKDEQIEHWKKIVKTQEELKELLNKMVNLKEKIKELHQQ
YKEASEVKPPRDITAEFLVKSKHRDLTALCKEYDELAETQGKLEEKLQELEANPPSDVYLSSRDRQILDWHFANLEFANA
TPLSTLSLKHWDQDDDFEFTGSHLTVRNGYSCVPVALAEGLDIKLNTAVRQVRYTASGCEVIAVNTRSTSQTFIYKCDAV
LCTLPLGVLKQQPPAVQFVPPLPEWKTSAVQRMGFGNLNKVVLCFDRVFWDPSVNLFGHVGSTTASRGELFLFWNLYKAP
ILLALVAGEAAGIMENISDDVIVGRCLAILKGIFGSSAVPQPKETVVSRWRADPWARGSYSYVAAGSSGNDYDLMAQPIT
PGPSIPGAPQPIPRLFFAGEHTIRNYPATVHGALLSGLREAGRIADQFLGAMYTLPRQATPGVPAQQSPSM
;
A
2 'polypeptide(L)'
;GPLGSPEFRAKRKPPKGMFLSQEDVEAVSANATAATTVLRQLDMELVSVKRQIQNIKQTNSALKEKLDGGIEPYRLPEVI
QKCNARWTTEEQLLAVQAIRKYGRDFQAISDVIGNKSVVQVKNFFVNYRRRFNIDEVLQEWEAE
;
B
#
# COMPACT_ATOMS: atom_id res chain seq x y z
N PRO A 190 -23.14 15.36 -6.48
CA PRO A 190 -23.66 16.69 -6.11
C PRO A 190 -24.51 17.32 -7.25
N SER A 191 -25.48 18.17 -6.89
CA SER A 191 -26.44 18.71 -7.85
C SER A 191 -26.71 20.19 -7.55
N GLY A 192 -27.04 20.93 -8.62
CA GLY A 192 -27.42 22.33 -8.49
C GLY A 192 -26.29 23.29 -8.84
N VAL A 193 -26.33 24.50 -8.26
CA VAL A 193 -25.14 25.34 -8.33
C VAL A 193 -24.01 24.69 -7.55
N GLU A 194 -24.35 23.87 -6.56
CA GLU A 194 -23.32 23.16 -5.78
C GLU A 194 -22.58 22.12 -6.61
N GLY A 195 -23.24 21.51 -7.59
CA GLY A 195 -22.56 20.56 -8.44
C GLY A 195 -21.58 21.24 -9.36
N ALA A 196 -21.86 22.50 -9.72
CA ALA A 196 -20.96 23.23 -10.59
C ALA A 196 -19.65 23.57 -9.90
N ALA A 197 -19.70 23.94 -8.61
CA ALA A 197 -18.45 24.15 -7.87
C ALA A 197 -17.63 22.88 -7.82
N PHE A 198 -18.30 21.74 -7.55
CA PHE A 198 -17.59 20.47 -7.43
C PHE A 198 -16.94 20.07 -8.77
N GLN A 199 -17.69 20.15 -9.87
CA GLN A 199 -17.23 19.85 -11.22
C GLN A 199 -16.19 20.86 -11.71
N SER A 200 -15.85 21.86 -10.90
CA SER A 200 -14.77 22.78 -11.18
C SER A 200 -13.77 22.81 -10.02
N ARG A 201 -13.70 21.73 -9.26
CA ARG A 201 -12.72 21.56 -8.21
C ARG A 201 -12.73 22.72 -7.21
N LEU A 202 -13.93 23.24 -6.93
CA LEU A 202 -14.09 24.36 -6.02
C LEU A 202 -15.06 24.02 -4.90
N PRO A 203 -14.75 24.40 -3.66
CA PRO A 203 -15.75 24.25 -2.58
C PRO A 203 -16.92 25.21 -2.81
N HIS A 204 -18.17 24.74 -2.62
CA HIS A 204 -19.25 25.71 -2.78
C HIS A 204 -19.34 26.75 -1.66
N ASP A 205 -18.81 26.47 -0.47
CA ASP A 205 -19.24 27.22 0.71
C ASP A 205 -18.15 28.06 1.33
N ARG A 206 -16.99 28.15 0.70
CA ARG A 206 -16.00 29.15 1.12
C ARG A 206 -15.18 29.52 -0.12
N MET A 207 -14.44 30.62 0.02
CA MET A 207 -13.68 31.11 -1.11
C MET A 207 -12.24 30.62 -1.02
N THR A 208 -11.68 30.28 -2.19
CA THR A 208 -10.30 29.81 -2.31
C THR A 208 -9.31 30.93 -2.04
N SER A 209 -8.03 30.57 -1.89
CA SER A 209 -6.97 31.58 -1.76
C SER A 209 -6.92 32.49 -2.97
N GLN A 210 -7.26 31.96 -4.14
CA GLN A 210 -7.13 32.75 -5.35
C GLN A 210 -8.21 33.81 -5.43
N GLU A 211 -9.42 33.47 -5.01
CA GLU A 211 -10.47 34.47 -4.96
C GLU A 211 -10.19 35.49 -3.86
N ALA A 212 -9.63 35.03 -2.73
CA ALA A 212 -9.19 35.96 -1.70
C ALA A 212 -8.24 37.00 -2.28
N ALA A 213 -7.42 36.59 -3.24
CA ALA A 213 -6.45 37.51 -3.81
C ALA A 213 -7.11 38.49 -4.79
N CYS A 214 -8.05 38.02 -5.60
CA CYS A 214 -8.77 38.88 -6.53
C CYS A 214 -9.94 39.63 -5.90
N PHE A 215 -10.47 39.14 -4.77
CA PHE A 215 -11.63 39.75 -4.13
C PHE A 215 -11.35 39.98 -2.65
N PRO A 216 -10.24 40.63 -2.31
CA PRO A 216 -9.94 40.84 -0.89
C PRO A 216 -10.98 41.68 -0.19
N ASP A 217 -11.66 42.59 -0.91
CA ASP A 217 -12.81 43.29 -0.33
C ASP A 217 -13.89 42.31 0.14
N ILE A 218 -14.27 41.34 -0.69
CA ILE A 218 -15.37 40.44 -0.34
C ILE A 218 -15.02 39.56 0.85
N ILE A 219 -13.87 38.88 0.79
CA ILE A 219 -13.41 38.01 1.87
C ILE A 219 -13.45 38.72 3.22
N SER A 220 -12.77 39.86 3.31
CA SER A 220 -12.60 40.46 4.61
C SER A 220 -13.85 41.18 5.05
N GLY A 221 -14.84 41.22 4.15
CA GLY A 221 -16.10 41.89 4.37
C GLY A 221 -17.11 41.01 5.06
N PRO A 222 -18.35 41.52 5.16
CA PRO A 222 -19.38 40.80 5.91
C PRO A 222 -19.66 39.41 5.35
N GLN A 223 -19.93 38.48 6.27
CA GLN A 223 -20.24 37.10 5.94
C GLN A 223 -21.35 37.00 4.90
N GLN A 224 -22.30 37.94 4.92
CA GLN A 224 -23.39 37.90 3.95
C GLN A 224 -22.90 38.19 2.54
N THR A 225 -21.94 39.10 2.40
CA THR A 225 -21.45 39.43 1.05
C THR A 225 -20.67 38.26 0.46
N GLN A 226 -19.83 37.60 1.27
CA GLN A 226 -19.15 36.38 0.83
C GLN A 226 -20.15 35.38 0.26
N LYS A 227 -21.33 35.29 0.88
CA LYS A 227 -22.31 34.32 0.41
C LYS A 227 -22.90 34.72 -0.93
N VAL A 228 -23.04 36.02 -1.18
CA VAL A 228 -23.62 36.45 -2.45
C VAL A 228 -22.65 36.15 -3.57
N PHE A 229 -21.38 36.45 -3.34
CA PHE A 229 -20.31 36.09 -4.26
C PHE A 229 -20.33 34.61 -4.62
N LEU A 230 -20.37 33.76 -3.59
CA LEU A 230 -20.27 32.33 -3.83
C LEU A 230 -21.39 31.86 -4.76
N PHE A 231 -22.59 32.38 -4.55
CA PHE A 231 -23.70 31.96 -5.42
C PHE A 231 -23.47 32.46 -6.85
N ILE A 232 -22.93 33.67 -6.99
CA ILE A 232 -22.70 34.22 -8.34
C ILE A 232 -21.66 33.38 -9.05
N ARG A 233 -20.56 33.09 -8.37
CA ARG A 233 -19.58 32.16 -8.91
C ARG A 233 -20.25 30.86 -9.35
N ASN A 234 -20.87 30.13 -8.39
CA ASN A 234 -21.37 28.80 -8.68
C ASN A 234 -22.43 28.82 -9.78
N ARG A 235 -23.28 29.84 -9.79
CA ARG A 235 -24.31 29.94 -10.82
C ARG A 235 -23.71 30.19 -12.20
N THR A 236 -22.67 31.01 -12.27
CA THR A 236 -21.98 31.23 -13.53
C THR A 236 -21.27 29.97 -14.00
N LEU A 237 -20.58 29.29 -13.06
CA LEU A 237 -19.97 28.00 -13.39
C LEU A 237 -21.00 27.05 -13.96
N GLN A 238 -22.17 26.99 -13.31
CA GLN A 238 -23.26 26.17 -13.82
C GLN A 238 -23.57 26.53 -15.26
N LEU A 239 -23.91 27.80 -15.51
CA LEU A 239 -24.33 28.21 -16.85
C LEU A 239 -23.33 27.81 -17.92
N TRP A 240 -22.02 27.86 -17.60
CA TRP A 240 -21.01 27.38 -18.55
C TRP A 240 -21.05 25.87 -18.68
N LEU A 241 -21.01 25.15 -17.56
CA LEU A 241 -20.93 23.69 -17.60
C LEU A 241 -22.12 23.10 -18.33
N ASP A 242 -23.32 23.67 -18.12
CA ASP A 242 -24.54 23.15 -18.72
C ASP A 242 -24.53 23.29 -20.24
N ASN A 243 -23.55 23.98 -20.79
CA ASN A 243 -23.46 24.12 -22.22
C ASN A 243 -22.10 24.70 -22.59
N PRO A 244 -21.11 23.86 -22.83
CA PRO A 244 -19.76 24.37 -23.06
C PRO A 244 -19.36 24.35 -24.52
N LYS A 245 -20.35 24.37 -25.42
CA LYS A 245 -20.07 24.50 -26.84
C LYS A 245 -20.22 25.94 -27.35
N ILE A 246 -20.65 26.87 -26.49
CA ILE A 246 -20.83 28.28 -26.82
C ILE A 246 -20.23 29.14 -25.73
N GLN A 247 -19.65 30.27 -26.13
CA GLN A 247 -19.13 31.22 -25.16
C GLN A 247 -20.22 31.64 -24.18
N LEU A 248 -19.81 31.87 -22.94
CA LEU A 248 -20.68 32.43 -21.91
C LEU A 248 -20.32 33.90 -21.75
N THR A 249 -21.09 34.77 -22.41
CA THR A 249 -20.88 36.20 -22.32
C THR A 249 -21.38 36.74 -21.00
N PHE A 250 -20.77 37.85 -20.56
CA PHE A 250 -21.19 38.48 -19.31
C PHE A 250 -22.65 38.88 -19.37
N GLU A 251 -23.12 39.36 -20.53
CA GLU A 251 -24.51 39.76 -20.67
C GLU A 251 -25.43 38.56 -20.53
N ALA A 252 -25.14 37.48 -21.27
CA ALA A 252 -25.90 36.25 -21.13
C ALA A 252 -25.92 35.79 -19.68
N THR A 253 -24.80 35.93 -18.98
CA THR A 253 -24.73 35.51 -17.59
C THR A 253 -25.71 36.28 -16.73
N LEU A 254 -25.66 37.61 -16.82
CA LEU A 254 -26.45 38.45 -15.93
C LEU A 254 -27.94 38.35 -16.22
N GLN A 255 -28.32 37.86 -17.40
CA GLN A 255 -29.73 37.73 -17.72
C GLN A 255 -30.36 36.50 -17.06
N GLN A 256 -29.65 35.36 -17.02
CA GLN A 256 -30.18 34.20 -16.28
C GLN A 256 -30.07 34.36 -14.77
N LEU A 257 -29.43 35.42 -14.35
CA LEU A 257 -29.32 35.61 -12.88
C LEU A 257 -30.59 36.30 -12.40
N GLU A 258 -30.87 36.21 -11.11
CA GLU A 258 -32.11 36.80 -10.57
C GLU A 258 -31.77 37.64 -9.36
N ALA A 259 -32.70 38.51 -8.98
CA ALA A 259 -32.48 39.35 -7.79
C ALA A 259 -32.55 38.47 -6.55
N PRO A 260 -31.81 38.79 -5.49
CA PRO A 260 -31.08 40.05 -5.42
C PRO A 260 -29.65 39.92 -5.98
N TYR A 261 -29.33 38.74 -6.47
CA TYR A 261 -27.98 38.43 -7.00
C TYR A 261 -27.68 39.31 -8.20
N ASN A 262 -28.66 39.59 -9.06
CA ASN A 262 -28.37 40.40 -10.27
C ASN A 262 -28.50 41.90 -9.99
N SER A 263 -28.71 42.31 -8.76
CA SER A 263 -28.75 43.74 -8.42
C SER A 263 -27.38 44.37 -8.67
N ASP A 264 -26.32 43.70 -8.24
CA ASP A 264 -24.99 44.33 -8.41
C ASP A 264 -24.35 43.87 -9.71
N THR A 265 -24.17 44.77 -10.64
CA THR A 265 -23.61 44.38 -11.94
C THR A 265 -22.09 44.40 -11.89
N VAL A 266 -21.47 45.17 -11.01
CA VAL A 266 -20.01 45.10 -11.07
C VAL A 266 -19.52 43.82 -10.41
N LEU A 267 -20.14 43.41 -9.31
CA LEU A 267 -19.80 42.09 -8.75
C LEU A 267 -19.97 41.00 -9.79
N VAL A 268 -21.10 40.99 -10.50
CA VAL A 268 -21.29 40.00 -11.54
C VAL A 268 -20.21 40.13 -12.60
N HIS A 269 -19.95 41.35 -13.06
CA HIS A 269 -18.92 41.53 -14.08
C HIS A 269 -17.54 41.18 -13.56
N ARG A 270 -17.25 41.46 -12.27
CA ARG A 270 -15.98 41.02 -11.70
C ARG A 270 -15.86 39.51 -11.68
N VAL A 271 -16.90 38.82 -11.18
CA VAL A 271 -16.87 37.36 -11.08
C VAL A 271 -16.71 36.73 -12.46
N HIS A 272 -17.58 37.09 -13.40
CA HIS A 272 -17.45 36.50 -14.74
C HIS A 272 -16.06 36.72 -15.32
N SER A 273 -15.46 37.87 -15.07
CA SER A 273 -14.16 38.11 -15.68
C SER A 273 -13.06 37.29 -15.02
N TYR A 274 -13.11 37.18 -13.69
CA TYR A 274 -12.23 36.26 -12.97
C TYR A 274 -12.35 34.83 -13.50
N LEU A 275 -13.58 34.34 -13.64
CA LEU A 275 -13.76 32.98 -14.13
C LEU A 275 -13.21 32.85 -15.56
N GLU A 276 -13.51 33.82 -16.42
CA GLU A 276 -13.03 33.78 -17.80
C GLU A 276 -11.52 33.78 -17.84
N ARG A 277 -10.89 34.61 -17.00
CA ARG A 277 -9.46 34.83 -17.08
C ARG A 277 -8.70 33.60 -16.64
N HIS A 278 -9.21 32.88 -15.65
CA HIS A 278 -8.48 31.78 -15.08
C HIS A 278 -8.95 30.43 -15.62
N GLY A 279 -9.70 30.45 -16.71
CA GLY A 279 -10.03 29.22 -17.42
C GLY A 279 -10.98 28.32 -16.69
N LEU A 280 -11.88 28.88 -15.88
CA LEU A 280 -12.95 28.07 -15.34
C LEU A 280 -14.18 28.09 -16.23
N ILE A 281 -14.32 29.10 -17.08
CA ILE A 281 -15.39 29.17 -18.07
C ILE A 281 -14.74 29.60 -19.37
N ASN A 282 -15.39 29.25 -20.48
CA ASN A 282 -14.88 29.62 -21.81
C ASN A 282 -13.42 29.20 -21.98
N PHE A 283 -13.18 27.92 -21.73
CA PHE A 283 -11.93 27.25 -22.07
C PHE A 283 -12.25 26.10 -23.01
N GLY A 284 -11.23 25.66 -23.74
CA GLY A 284 -11.44 24.54 -24.62
C GLY A 284 -11.87 25.00 -25.99
N ILE A 285 -12.84 24.32 -26.60
CA ILE A 285 -13.25 24.60 -27.97
C ILE A 285 -14.71 25.01 -27.95
N TYR A 286 -14.95 26.32 -27.93
CA TYR A 286 -16.26 26.94 -27.88
C TYR A 286 -16.42 27.86 -29.08
N LYS A 287 -17.68 28.07 -29.50
CA LYS A 287 -17.98 29.01 -30.56
C LYS A 287 -18.12 30.41 -29.96
N ARG A 288 -17.49 31.40 -30.60
CA ARG A 288 -17.34 32.75 -30.04
C ARG A 288 -18.53 33.61 -30.44
N ILE A 289 -19.35 33.98 -29.45
CA ILE A 289 -20.40 34.96 -29.66
C ILE A 289 -19.80 36.29 -30.12
N LYS A 290 -18.82 36.79 -29.37
CA LYS A 290 -18.06 37.97 -29.77
C LYS A 290 -16.85 37.50 -30.58
N PRO A 291 -16.76 37.82 -31.88
CA PRO A 291 -15.49 37.61 -32.59
C PRO A 291 -14.38 38.47 -31.97
N LEU A 292 -13.17 37.91 -31.94
CA LEU A 292 -12.03 38.49 -31.25
C LEU A 292 -11.52 39.79 -31.88
N PRO A 293 -11.01 40.73 -31.03
CA PRO A 293 -10.46 42.01 -31.52
C PRO A 293 -9.61 41.91 -32.77
N THR A 294 -9.78 42.91 -33.63
CA THR A 294 -9.04 43.00 -34.88
C THR A 294 -7.53 42.95 -34.63
N LYS A 295 -7.06 43.71 -33.64
CA LYS A 295 -5.63 43.80 -33.37
C LYS A 295 -5.33 43.40 -31.94
N LYS A 296 -4.20 42.71 -31.82
CA LYS A 296 -3.75 41.93 -30.69
C LYS A 296 -2.87 42.79 -29.78
N THR A 297 -2.50 42.24 -28.63
CA THR A 297 -1.70 42.96 -27.67
C THR A 297 -0.65 42.03 -27.09
N GLY A 298 0.61 42.46 -27.08
CA GLY A 298 1.68 41.64 -26.54
C GLY A 298 1.93 40.42 -27.39
N LYS A 299 3.09 39.76 -27.21
CA LYS A 299 3.47 38.61 -28.03
C LYS A 299 4.11 37.51 -27.17
N VAL A 300 3.56 36.30 -27.24
CA VAL A 300 3.98 35.20 -26.38
C VAL A 300 4.49 34.06 -27.26
N ILE A 301 5.68 33.56 -26.95
CA ILE A 301 6.18 32.32 -27.52
C ILE A 301 5.93 31.18 -26.52
N ILE A 302 5.39 30.06 -27.03
CA ILE A 302 5.09 28.87 -26.26
C ILE A 302 5.98 27.75 -26.75
N ILE A 303 6.81 27.20 -25.87
CA ILE A 303 7.72 26.12 -26.24
C ILE A 303 7.03 24.79 -25.96
N GLY A 304 6.69 24.06 -27.01
CA GLY A 304 5.94 22.82 -26.87
C GLY A 304 4.46 22.99 -27.20
N SER A 305 3.95 22.12 -28.07
CA SER A 305 2.51 22.06 -28.31
C SER A 305 1.91 20.78 -27.75
N GLY A 306 2.36 20.39 -26.55
CA GLY A 306 1.63 19.42 -25.77
C GLY A 306 0.32 20.04 -25.30
N VAL A 307 -0.45 19.23 -24.59
CA VAL A 307 -1.76 19.68 -24.13
C VAL A 307 -1.60 20.94 -23.29
N SER A 308 -0.56 21.03 -22.49
CA SER A 308 -0.42 22.23 -21.66
C SER A 308 -0.13 23.45 -22.53
N GLY A 309 0.83 23.32 -23.45
CA GLY A 309 1.04 24.37 -24.43
C GLY A 309 -0.23 24.74 -25.17
N LEU A 310 -0.96 23.75 -25.69
CA LEU A 310 -2.12 24.09 -26.51
C LEU A 310 -3.17 24.79 -25.69
N ALA A 311 -3.35 24.39 -24.44
CA ALA A 311 -4.39 25.00 -23.64
C ALA A 311 -4.07 26.45 -23.33
N ALA A 312 -2.80 26.75 -23.06
CA ALA A 312 -2.41 28.15 -22.89
C ALA A 312 -2.60 28.93 -24.19
N ALA A 313 -2.05 28.41 -25.29
CA ALA A 313 -2.15 29.13 -26.56
C ALA A 313 -3.60 29.49 -26.87
N ARG A 314 -4.53 28.55 -26.67
CA ARG A 314 -5.93 28.87 -26.99
C ARG A 314 -6.47 29.94 -26.07
N GLN A 315 -6.04 29.93 -24.81
CA GLN A 315 -6.53 30.95 -23.90
C GLN A 315 -5.96 32.30 -24.26
N LEU A 316 -4.63 32.39 -24.37
CA LEU A 316 -3.99 33.66 -24.70
C LEU A 316 -4.56 34.23 -26.00
N GLN A 317 -4.70 33.40 -27.03
CA GLN A 317 -5.26 33.90 -28.27
C GLN A 317 -6.70 34.37 -28.10
N SER A 318 -7.45 33.79 -27.17
CA SER A 318 -8.80 34.30 -26.95
C SER A 318 -8.83 35.49 -26.02
N PHE A 319 -7.71 35.84 -25.40
CA PHE A 319 -7.62 37.05 -24.58
C PHE A 319 -7.13 38.25 -25.38
N GLY A 320 -6.81 38.04 -26.65
CA GLY A 320 -6.35 39.10 -27.51
C GLY A 320 -4.86 39.20 -27.62
N MET A 321 -4.14 38.11 -27.42
CA MET A 321 -2.70 38.14 -27.56
C MET A 321 -2.31 37.46 -28.85
N ASP A 322 -1.08 37.73 -29.27
CA ASP A 322 -0.50 37.10 -30.45
C ASP A 322 0.40 35.99 -29.95
N VAL A 323 0.13 34.76 -30.39
CA VAL A 323 0.71 33.56 -29.80
C VAL A 323 1.32 32.71 -30.91
N THR A 324 2.54 32.24 -30.68
CA THR A 324 3.18 31.30 -31.57
C THR A 324 3.71 30.14 -30.73
N LEU A 325 3.48 28.91 -31.19
CA LEU A 325 3.99 27.73 -30.52
C LEU A 325 5.10 27.12 -31.35
N LEU A 326 6.19 26.77 -30.68
CA LEU A 326 7.37 26.13 -31.25
C LEU A 326 7.37 24.69 -30.80
N GLU A 327 7.32 23.76 -31.76
CA GLU A 327 7.16 22.34 -31.48
C GLU A 327 8.26 21.58 -32.21
N ALA A 328 9.04 20.79 -31.47
CA ALA A 328 10.16 20.06 -32.07
C ALA A 328 9.67 18.89 -32.95
N ARG A 329 8.62 18.19 -32.52
CA ARG A 329 8.03 17.10 -33.30
C ARG A 329 7.40 17.61 -34.59
N ASP A 330 7.05 16.66 -35.46
CA ASP A 330 6.24 16.93 -36.63
C ASP A 330 4.74 16.80 -36.35
N ARG A 331 4.33 16.84 -35.09
CA ARG A 331 2.91 16.71 -34.76
C ARG A 331 2.67 17.40 -33.44
N VAL A 332 1.43 17.81 -33.22
CA VAL A 332 1.05 18.30 -31.90
C VAL A 332 0.84 17.13 -30.94
N GLY A 333 0.50 17.43 -29.68
CA GLY A 333 0.04 16.44 -28.73
C GLY A 333 1.06 16.02 -27.70
N GLY A 334 2.34 16.12 -28.03
CA GLY A 334 3.33 15.78 -27.03
C GLY A 334 3.21 14.32 -26.63
N ARG A 335 3.10 14.11 -25.33
CA ARG A 335 2.94 12.78 -24.77
C ARG A 335 1.53 12.24 -24.95
N VAL A 336 0.68 12.92 -25.71
CA VAL A 336 -0.55 12.31 -26.24
C VAL A 336 -0.27 11.94 -27.69
N ALA A 337 0.25 10.73 -27.87
CA ALA A 337 0.56 10.10 -29.15
C ALA A 337 -0.46 9.02 -29.48
N THR A 338 -0.85 8.94 -30.75
CA THR A 338 -1.87 7.99 -31.18
C THR A 338 -1.45 7.36 -32.50
N PHE A 339 -1.30 6.03 -32.48
CA PHE A 339 -0.95 5.28 -33.67
C PHE A 339 -2.17 5.13 -34.57
N ARG A 340 -1.98 5.37 -35.86
CA ARG A 340 -3.05 5.22 -36.84
C ARG A 340 -2.48 4.61 -38.11
N LYS A 341 -3.04 3.46 -38.50
CA LYS A 341 -2.79 2.80 -39.76
C LYS A 341 -4.07 2.04 -40.09
N GLY A 342 -4.59 2.23 -41.30
CA GLY A 342 -5.86 1.63 -41.65
C GLY A 342 -6.92 2.00 -40.63
N ASN A 343 -7.85 1.05 -40.38
CA ASN A 343 -8.73 1.30 -39.22
C ASN A 343 -8.07 0.89 -37.87
N TYR A 344 -6.78 0.56 -37.78
CA TYR A 344 -6.14 0.34 -36.50
C TYR A 344 -5.84 1.67 -35.81
N VAL A 345 -6.13 1.74 -34.51
CA VAL A 345 -6.00 2.97 -33.72
C VAL A 345 -5.57 2.59 -32.31
N ALA A 346 -4.49 3.20 -31.81
CA ALA A 346 -4.01 2.84 -30.48
C ALA A 346 -3.17 3.96 -29.90
N ASP A 347 -3.38 4.25 -28.62
CA ASP A 347 -2.63 5.30 -27.94
C ASP A 347 -1.27 4.79 -27.46
N LEU A 348 -0.21 5.52 -27.80
CA LEU A 348 1.13 5.22 -27.33
C LEU A 348 1.52 6.04 -26.11
N GLY A 349 0.74 7.10 -25.81
CA GLY A 349 0.89 7.91 -24.61
C GLY A 349 -0.31 7.77 -23.69
N ALA A 350 -0.83 8.87 -23.20
CA ALA A 350 -2.04 8.80 -22.40
C ALA A 350 -3.13 8.03 -23.15
N MET A 351 -3.91 7.28 -22.38
CA MET A 351 -5.06 6.56 -22.90
C MET A 351 -6.24 6.52 -21.95
N VAL A 352 -6.08 6.95 -20.71
CA VAL A 352 -7.11 6.81 -19.69
C VAL A 352 -7.53 8.20 -19.22
N VAL A 353 -8.85 8.39 -19.10
CA VAL A 353 -9.46 9.57 -18.51
C VAL A 353 -9.90 9.16 -17.11
N THR A 354 -9.36 9.79 -16.08
CA THR A 354 -9.55 9.24 -14.74
C THR A 354 -10.81 9.71 -14.06
N GLY A 355 -11.93 9.71 -14.77
CA GLY A 355 -13.20 9.85 -14.07
C GLY A 355 -13.69 11.27 -14.15
N LEU A 356 -14.94 11.46 -14.54
CA LEU A 356 -15.41 12.78 -14.92
C LEU A 356 -15.92 13.62 -13.75
N GLY A 357 -15.75 13.18 -12.51
CA GLY A 357 -16.26 13.92 -11.38
C GLY A 357 -15.32 15.00 -10.91
N GLY A 358 -15.39 16.16 -11.53
CA GLY A 358 -14.47 17.24 -11.26
C GLY A 358 -13.36 17.37 -12.27
N ASN A 359 -13.45 16.65 -13.39
CA ASN A 359 -12.39 16.56 -14.36
C ASN A 359 -12.66 17.53 -15.49
N PRO A 360 -11.73 18.43 -15.82
CA PRO A 360 -11.96 19.33 -16.97
C PRO A 360 -12.08 18.58 -18.29
N MET A 361 -11.54 17.37 -18.39
CA MET A 361 -11.73 16.58 -19.61
C MET A 361 -13.20 16.24 -19.86
N ALA A 362 -14.04 16.30 -18.83
CA ALA A 362 -15.49 16.19 -19.04
C ALA A 362 -16.00 17.30 -19.94
N VAL A 363 -15.63 18.56 -19.65
CA VAL A 363 -15.97 19.68 -20.54
C VAL A 363 -15.45 19.41 -21.94
N VAL A 364 -14.17 19.05 -22.05
CA VAL A 364 -13.59 18.84 -23.36
C VAL A 364 -14.33 17.76 -24.13
N SER A 365 -14.88 16.77 -23.41
CA SER A 365 -15.59 15.68 -24.07
C SER A 365 -16.89 16.16 -24.72
N LYS A 366 -17.63 17.05 -24.06
CA LYS A 366 -18.80 17.61 -24.72
C LYS A 366 -18.37 18.43 -25.93
N GLN A 367 -17.19 19.02 -25.83
CA GLN A 367 -16.70 19.94 -26.88
C GLN A 367 -16.22 19.17 -28.09
N VAL A 368 -15.30 18.24 -27.89
CA VAL A 368 -14.78 17.45 -29.04
C VAL A 368 -15.42 16.07 -28.96
N ASN A 369 -15.91 15.55 -30.07
CA ASN A 369 -16.53 14.21 -29.96
C ASN A 369 -15.43 13.23 -29.64
N MET A 370 -15.57 12.52 -28.52
CA MET A 370 -14.60 11.51 -28.08
C MET A 370 -15.42 10.27 -27.75
N GLU A 371 -15.14 9.15 -28.38
CA GLU A 371 -15.91 7.94 -28.01
C GLU A 371 -15.28 7.42 -26.72
N LEU A 372 -15.83 7.84 -25.60
CA LEU A 372 -15.30 7.48 -24.28
C LEU A 372 -15.94 6.20 -23.76
N ALA A 373 -15.13 5.18 -23.52
CA ALA A 373 -15.62 3.87 -23.13
C ALA A 373 -15.13 3.51 -21.74
N LYS A 374 -16.08 3.18 -20.87
CA LYS A 374 -15.81 2.76 -19.50
C LYS A 374 -14.87 1.55 -19.47
N ILE A 375 -14.03 1.52 -18.44
CA ILE A 375 -13.11 0.42 -18.15
C ILE A 375 -13.72 -0.44 -17.07
N LYS A 376 -13.98 -1.70 -17.43
CA LYS A 376 -14.41 -2.72 -16.50
C LYS A 376 -13.20 -3.14 -15.67
N GLN A 377 -13.28 -3.00 -14.35
CA GLN A 377 -12.11 -3.18 -13.52
C GLN A 377 -11.79 -4.67 -13.22
N LYS A 378 -12.47 -5.60 -13.88
CA LYS A 378 -12.15 -7.03 -13.75
C LYS A 378 -10.84 -7.33 -14.46
N CYS A 379 -9.84 -7.74 -13.70
CA CYS A 379 -8.52 -8.06 -14.23
C CYS A 379 -8.13 -9.46 -13.80
N PRO A 380 -8.29 -10.45 -14.69
CA PRO A 380 -7.84 -11.81 -14.37
C PRO A 380 -6.32 -11.93 -14.54
N LEU A 381 -5.67 -12.40 -13.49
CA LEU A 381 -4.23 -12.63 -13.46
C LEU A 381 -3.89 -14.00 -14.02
N TYR A 382 -2.66 -14.12 -14.51
CA TYR A 382 -2.24 -15.39 -15.09
C TYR A 382 -0.76 -15.59 -14.87
N GLU A 383 -0.42 -16.74 -14.33
CA GLU A 383 0.92 -17.20 -14.01
C GLU A 383 1.76 -17.48 -15.25
N ALA A 384 3.07 -17.53 -15.01
CA ALA A 384 4.00 -17.78 -16.10
C ALA A 384 3.76 -19.15 -16.74
N ASN A 385 3.20 -20.10 -15.95
CA ASN A 385 2.79 -21.40 -16.46
C ASN A 385 1.75 -21.27 -17.57
N GLY A 386 0.94 -20.21 -17.54
CA GLY A 386 -0.09 -19.96 -18.53
C GLY A 386 -1.52 -20.10 -18.03
N GLN A 387 -1.71 -20.52 -16.78
CA GLN A 387 -3.03 -20.81 -16.25
C GLN A 387 -3.45 -19.73 -15.26
N ALA A 388 -4.76 -19.54 -15.17
CA ALA A 388 -5.30 -18.46 -14.37
C ALA A 388 -4.97 -18.64 -12.89
N VAL A 389 -5.04 -17.52 -12.16
CA VAL A 389 -4.92 -17.56 -10.71
C VAL A 389 -6.26 -17.96 -10.10
N PRO A 390 -6.26 -18.88 -9.15
CA PRO A 390 -7.52 -19.27 -8.50
C PRO A 390 -8.12 -18.10 -7.74
N LYS A 391 -9.45 -17.99 -7.84
CA LYS A 391 -10.15 -16.84 -7.26
C LYS A 391 -9.89 -16.66 -5.75
N GLU A 392 -9.62 -17.74 -4.99
CA GLU A 392 -9.36 -17.50 -3.56
C GLU A 392 -8.03 -16.77 -3.40
N LYS A 393 -7.08 -17.07 -4.30
CA LYS A 393 -5.70 -16.63 -4.17
C LYS A 393 -5.56 -15.16 -4.58
N ASP A 394 -6.17 -14.82 -5.72
CA ASP A 394 -6.24 -13.44 -6.15
C ASP A 394 -6.71 -12.55 -5.01
N GLU A 395 -7.78 -12.96 -4.32
CA GLU A 395 -8.34 -12.07 -3.33
C GLU A 395 -7.51 -12.02 -2.06
N MET A 396 -6.82 -13.11 -1.70
CA MET A 396 -5.91 -13.02 -0.57
C MET A 396 -4.80 -12.05 -0.88
N VAL A 397 -4.10 -12.30 -1.99
CA VAL A 397 -2.89 -11.55 -2.29
C VAL A 397 -3.21 -10.08 -2.49
N GLU A 398 -4.25 -9.80 -3.28
CA GLU A 398 -4.72 -8.42 -3.40
C GLU A 398 -4.91 -7.78 -2.03
N GLN A 399 -5.63 -8.44 -1.11
CA GLN A 399 -5.94 -7.76 0.14
C GLN A 399 -4.70 -7.60 1.00
N GLU A 400 -3.74 -8.51 0.87
CA GLU A 400 -2.49 -8.33 1.59
C GLU A 400 -1.73 -7.16 1.01
N PHE A 401 -1.74 -7.03 -0.32
CA PHE A 401 -1.17 -5.85 -0.97
C PHE A 401 -1.73 -4.57 -0.40
N ASN A 402 -3.07 -4.46 -0.32
CA ASN A 402 -3.70 -3.29 0.26
C ASN A 402 -3.33 -3.10 1.73
N ARG A 403 -3.21 -4.19 2.48
CA ARG A 403 -2.87 -4.07 3.89
C ARG A 403 -1.42 -3.65 4.06
N LEU A 404 -0.55 -4.14 3.17
CA LEU A 404 0.84 -3.74 3.20
C LEU A 404 0.98 -2.25 2.92
N LEU A 405 0.14 -1.71 2.02
CA LEU A 405 0.22 -0.28 1.74
C LEU A 405 -0.14 0.54 2.96
N GLU A 406 -1.28 0.23 3.60
CA GLU A 406 -1.64 0.91 4.85
C GLU A 406 -0.51 0.84 5.87
N ALA A 407 0.18 -0.29 5.94
CA ALA A 407 1.24 -0.43 6.93
C ALA A 407 2.36 0.59 6.68
N THR A 408 2.75 0.79 5.42
CA THR A 408 3.74 1.83 5.13
C THR A 408 3.23 3.19 5.56
N SER A 409 1.96 3.49 5.27
CA SER A 409 1.37 4.71 5.78
C SER A 409 1.51 4.82 7.30
N TYR A 410 1.23 3.72 8.02
CA TYR A 410 1.41 3.69 9.47
C TYR A 410 2.86 3.99 9.86
N LEU A 411 3.82 3.23 9.30
CA LEU A 411 5.23 3.58 9.41
C LEU A 411 5.50 5.06 9.16
N SER A 412 4.85 5.64 8.17
CA SER A 412 5.22 7.00 7.80
C SER A 412 4.64 8.01 8.79
N HIS A 413 3.32 8.01 8.98
CA HIS A 413 2.63 9.05 9.74
C HIS A 413 2.54 8.79 11.25
N GLN A 414 2.75 7.56 11.72
CA GLN A 414 2.62 7.26 13.13
C GLN A 414 3.93 6.94 13.82
N LEU A 415 4.94 6.51 13.09
CA LEU A 415 6.24 6.15 13.65
C LEU A 415 7.39 7.02 13.16
N ASP A 416 7.09 8.04 12.34
CA ASP A 416 8.07 9.01 11.84
C ASP A 416 9.31 8.32 11.27
N PHE A 417 9.10 7.17 10.60
CA PHE A 417 10.17 6.39 9.99
C PHE A 417 10.39 6.90 8.57
N ASN A 418 10.82 8.15 8.47
CA ASN A 418 10.93 8.79 7.16
C ASN A 418 12.35 9.14 6.77
N VAL A 419 13.32 8.92 7.64
CA VAL A 419 14.73 9.08 7.32
C VAL A 419 15.47 7.89 7.91
N LEU A 420 16.42 7.34 7.16
CA LEU A 420 17.19 6.19 7.64
C LEU A 420 18.60 6.35 7.10
N ASN A 421 19.59 6.48 7.99
CA ASN A 421 20.99 6.63 7.58
C ASN A 421 21.21 7.95 6.83
N ASN A 422 20.57 9.02 7.31
CA ASN A 422 20.68 10.36 6.74
C ASN A 422 20.13 10.44 5.31
N LYS A 423 19.27 9.51 4.91
CA LYS A 423 18.68 9.52 3.58
C LYS A 423 17.17 9.35 3.70
N PRO A 424 16.41 9.91 2.76
CA PRO A 424 14.94 9.78 2.84
C PRO A 424 14.51 8.38 2.49
N VAL A 425 13.53 7.87 3.23
CA VAL A 425 13.03 6.53 3.00
C VAL A 425 12.13 6.53 1.78
N SER A 426 12.29 5.54 0.93
CA SER A 426 11.38 5.35 -0.19
C SER A 426 10.24 4.40 0.18
N LEU A 427 9.24 4.35 -0.70
CA LEU A 427 8.16 3.40 -0.53
C LEU A 427 8.67 1.97 -0.50
N GLY A 428 9.54 1.61 -1.45
CA GLY A 428 10.02 0.24 -1.56
C GLY A 428 10.81 -0.22 -0.35
N GLN A 429 11.71 0.62 0.16
CA GLN A 429 12.33 0.37 1.45
C GLN A 429 11.29 0.02 2.49
N ALA A 430 10.29 0.89 2.64
CA ALA A 430 9.27 0.70 3.66
C ALA A 430 8.50 -0.60 3.47
N LEU A 431 8.23 -0.98 2.21
CA LEU A 431 7.54 -2.24 1.96
C LEU A 431 8.36 -3.43 2.44
N GLU A 432 9.63 -3.52 2.04
CA GLU A 432 10.53 -4.54 2.57
C GLU A 432 10.47 -4.60 4.09
N VAL A 433 10.71 -3.47 4.76
CA VAL A 433 10.65 -3.48 6.22
C VAL A 433 9.31 -3.95 6.76
N VAL A 434 8.21 -3.68 6.05
CA VAL A 434 6.96 -4.24 6.55
C VAL A 434 6.93 -5.74 6.30
N ILE A 435 7.29 -6.15 5.09
CA ILE A 435 7.30 -7.59 4.77
C ILE A 435 8.20 -8.35 5.73
N GLN A 436 9.39 -7.83 5.99
CA GLN A 436 10.30 -8.52 6.90
C GLN A 436 9.69 -8.65 8.29
N LEU A 437 8.98 -7.63 8.77
CA LEU A 437 8.38 -7.72 10.08
C LEU A 437 7.22 -8.72 10.11
N GLN A 438 6.51 -8.89 8.99
CA GLN A 438 5.51 -9.94 8.99
C GLN A 438 6.18 -11.30 8.95
N GLU A 439 7.19 -11.46 8.10
CA GLU A 439 7.98 -12.68 8.13
C GLU A 439 8.54 -12.93 9.53
N LYS A 440 9.05 -11.88 10.19
CA LYS A 440 9.57 -12.07 11.54
C LYS A 440 8.47 -12.51 12.48
N HIS A 441 7.33 -11.84 12.44
CA HIS A 441 6.27 -12.17 13.38
C HIS A 441 5.71 -13.57 13.15
N VAL A 442 5.78 -14.12 11.92
CA VAL A 442 5.44 -15.53 11.75
C VAL A 442 6.38 -16.41 12.55
N LYS A 443 7.70 -16.19 12.38
CA LYS A 443 8.68 -16.97 13.11
C LYS A 443 8.52 -16.80 14.62
N ASP A 444 8.21 -15.60 15.07
CA ASP A 444 7.97 -15.41 16.50
C ASP A 444 6.80 -16.25 16.99
N GLU A 445 5.79 -16.46 16.15
CA GLU A 445 4.61 -17.22 16.58
C GLU A 445 4.94 -18.71 16.66
N GLN A 446 5.68 -19.20 15.67
CA GLN A 446 6.11 -20.59 15.70
C GLN A 446 6.93 -20.88 16.95
N ILE A 447 7.95 -20.07 17.21
CA ILE A 447 8.76 -20.27 18.40
C ILE A 447 7.91 -20.27 19.66
N GLU A 448 6.99 -19.32 19.78
CA GLU A 448 6.15 -19.30 20.97
C GLU A 448 5.24 -20.52 21.05
N HIS A 449 4.92 -21.13 19.91
CA HIS A 449 4.06 -22.32 19.89
C HIS A 449 4.79 -23.54 20.40
N TRP A 450 5.81 -23.99 19.66
CA TRP A 450 6.65 -25.09 20.11
C TRP A 450 7.23 -24.85 21.50
N LYS A 451 7.38 -23.59 21.92
CA LYS A 451 7.90 -23.37 23.26
C LYS A 451 6.87 -23.74 24.33
N LYS A 452 5.63 -23.95 23.94
CA LYS A 452 4.60 -24.48 24.83
C LYS A 452 4.66 -25.98 24.83
N ILE A 453 4.98 -26.53 23.67
CA ILE A 453 5.08 -27.97 23.58
C ILE A 453 6.20 -28.47 24.48
N VAL A 454 7.38 -27.85 24.42
CA VAL A 454 8.45 -28.26 25.34
C VAL A 454 8.02 -28.05 26.78
N LYS A 455 7.34 -26.94 27.08
CA LYS A 455 7.07 -26.62 28.47
C LYS A 455 5.99 -27.53 29.06
N THR A 456 5.43 -28.42 28.24
CA THR A 456 4.55 -29.46 28.73
C THR A 456 5.13 -30.86 28.57
N GLN A 457 5.84 -31.12 27.47
CA GLN A 457 6.64 -32.34 27.40
C GLN A 457 7.58 -32.47 28.58
N GLU A 458 8.07 -31.35 29.12
CA GLU A 458 8.94 -31.44 30.28
C GLU A 458 8.16 -31.56 31.56
N GLU A 459 6.98 -30.95 31.62
CA GLU A 459 6.10 -31.14 32.75
C GLU A 459 5.54 -32.56 32.77
N LEU A 460 5.47 -33.19 31.59
CA LEU A 460 5.18 -34.61 31.49
C LEU A 460 6.35 -35.44 31.97
N LYS A 461 7.54 -35.19 31.42
CA LYS A 461 8.76 -35.86 31.85
C LYS A 461 8.88 -35.90 33.36
N GLU A 462 8.68 -34.75 34.01
CA GLU A 462 8.74 -34.72 35.47
C GLU A 462 7.63 -35.56 36.08
N LEU A 463 6.55 -35.78 35.35
CA LEU A 463 5.48 -36.60 35.86
C LEU A 463 5.79 -38.08 35.70
N LEU A 464 6.42 -38.47 34.58
CA LEU A 464 6.71 -39.88 34.37
C LEU A 464 7.82 -40.36 35.28
N ASN A 465 8.91 -39.59 35.42
CA ASN A 465 9.88 -39.91 36.48
C ASN A 465 9.25 -39.98 37.86
N LYS A 466 8.15 -39.27 38.09
CA LYS A 466 7.48 -39.51 39.37
C LYS A 466 6.78 -40.86 39.38
N MET A 467 6.31 -41.34 38.23
CA MET A 467 5.56 -42.58 38.19
C MET A 467 6.41 -43.82 38.04
N VAL A 468 7.63 -43.71 37.51
CA VAL A 468 8.59 -44.80 37.65
C VAL A 468 8.94 -44.99 39.12
N ASN A 469 9.48 -43.94 39.73
CA ASN A 469 9.94 -44.02 41.11
C ASN A 469 8.81 -44.35 42.09
N LEU A 470 7.56 -44.20 41.67
CA LEU A 470 6.44 -44.58 42.53
C LEU A 470 6.02 -46.02 42.27
N LYS A 471 6.00 -46.45 41.00
CA LYS A 471 5.73 -47.85 40.71
C LYS A 471 6.78 -48.76 41.34
N GLU A 472 8.05 -48.32 41.37
CA GLU A 472 9.08 -49.15 41.99
C GLU A 472 8.92 -49.22 43.50
N LYS A 473 8.33 -48.18 44.11
CA LYS A 473 7.95 -48.30 45.52
C LYS A 473 6.76 -49.24 45.67
N ILE A 474 5.86 -49.28 44.69
CA ILE A 474 4.71 -50.13 44.83
C ILE A 474 5.10 -51.60 44.61
N LYS A 475 6.03 -51.87 43.66
CA LYS A 475 6.70 -53.18 43.65
C LYS A 475 7.23 -53.55 45.02
N GLU A 476 7.91 -52.62 45.68
CA GLU A 476 8.60 -53.03 46.90
C GLU A 476 7.62 -53.23 48.06
N LEU A 477 6.64 -52.34 48.23
CA LEU A 477 5.66 -52.56 49.29
C LEU A 477 4.83 -53.82 49.05
N HIS A 478 4.53 -54.13 47.80
CA HIS A 478 3.74 -55.32 47.54
C HIS A 478 4.47 -56.57 48.02
N GLN A 479 5.75 -56.68 47.67
CA GLN A 479 6.56 -57.79 48.19
C GLN A 479 6.51 -57.81 49.71
N GLN A 480 6.74 -56.66 50.34
CA GLN A 480 6.76 -56.60 51.79
C GLN A 480 5.39 -56.97 52.39
N TYR A 481 4.29 -56.39 51.89
CA TYR A 481 2.98 -56.78 52.38
C TYR A 481 2.72 -58.25 52.16
N LYS A 482 3.21 -58.78 51.05
CA LYS A 482 2.95 -60.16 50.71
C LYS A 482 3.68 -61.10 51.67
N GLU A 483 4.97 -60.84 51.92
CA GLU A 483 5.71 -61.59 52.92
C GLU A 483 5.05 -61.51 54.29
N ALA A 484 4.54 -60.33 54.63
CA ALA A 484 3.98 -60.19 55.96
C ALA A 484 2.67 -60.93 56.06
N SER A 485 1.98 -61.10 54.94
CA SER A 485 0.77 -61.89 54.87
C SER A 485 1.07 -63.39 54.92
N GLU A 486 2.33 -63.78 54.64
CA GLU A 486 2.76 -65.18 54.64
C GLU A 486 2.89 -65.75 56.05
N VAL A 487 3.27 -64.93 57.02
CA VAL A 487 3.29 -65.34 58.42
C VAL A 487 1.88 -65.74 58.83
N LYS A 488 1.67 -67.02 59.13
CA LYS A 488 0.34 -67.51 59.39
C LYS A 488 -0.18 -67.04 60.75
N PRO A 489 -1.48 -66.80 60.85
CA PRO A 489 -2.14 -66.60 62.12
C PRO A 489 -2.04 -67.85 62.98
N PRO A 490 -2.38 -67.74 64.27
CA PRO A 490 -2.60 -66.43 64.90
C PRO A 490 -1.27 -65.72 65.06
N ARG A 491 -1.32 -64.39 64.99
CA ARG A 491 -0.12 -63.56 64.96
C ARG A 491 -0.10 -62.72 66.21
N ASP A 492 1.09 -62.46 66.76
CA ASP A 492 1.12 -61.46 67.80
C ASP A 492 0.82 -60.09 67.17
N ILE A 493 0.61 -59.08 68.00
CA ILE A 493 -0.03 -57.90 67.46
C ILE A 493 0.92 -57.10 66.59
N THR A 494 2.24 -57.12 66.87
CA THR A 494 3.16 -56.40 66.00
C THR A 494 3.13 -56.96 64.58
N ALA A 495 3.03 -58.29 64.44
CA ALA A 495 2.93 -58.90 63.12
C ALA A 495 1.61 -58.59 62.43
N GLU A 496 0.54 -58.40 63.20
CA GLU A 496 -0.75 -58.05 62.61
C GLU A 496 -0.74 -56.60 62.18
N PHE A 497 -0.19 -55.72 63.02
CA PHE A 497 0.03 -54.34 62.65
C PHE A 497 0.78 -54.26 61.34
N LEU A 498 1.78 -55.11 61.17
CA LEU A 498 2.66 -54.96 60.01
C LEU A 498 1.94 -55.35 58.71
N VAL A 499 1.03 -56.32 58.74
CA VAL A 499 0.16 -56.57 57.59
C VAL A 499 -0.74 -55.38 57.33
N LYS A 500 -1.50 -54.96 58.37
CA LYS A 500 -2.49 -53.89 58.21
C LYS A 500 -1.83 -52.57 57.84
N SER A 501 -0.62 -52.34 58.36
CA SER A 501 0.13 -51.12 58.09
C SER A 501 0.59 -51.07 56.62
N LYS A 502 1.32 -52.11 56.17
CA LYS A 502 1.68 -52.18 54.77
C LYS A 502 0.47 -52.09 53.84
N HIS A 503 -0.69 -52.58 54.28
CA HIS A 503 -1.87 -52.54 53.42
C HIS A 503 -2.36 -51.11 53.22
N ARG A 504 -2.49 -50.35 54.31
CA ARG A 504 -2.77 -48.93 54.20
C ARG A 504 -1.72 -48.25 53.32
N ASP A 505 -0.44 -48.38 53.67
CA ASP A 505 0.64 -47.74 52.92
C ASP A 505 0.59 -48.06 51.44
N LEU A 506 0.21 -49.28 51.09
CA LEU A 506 0.22 -49.64 49.68
C LEU A 506 -0.98 -49.05 48.96
N THR A 507 -2.17 -49.05 49.59
CA THR A 507 -3.30 -48.40 48.94
C THR A 507 -3.09 -46.90 48.86
N ALA A 508 -2.34 -46.33 49.80
CA ALA A 508 -2.01 -44.91 49.73
C ALA A 508 -1.18 -44.59 48.48
N LEU A 509 -0.05 -45.29 48.31
CA LEU A 509 0.73 -45.12 47.08
C LEU A 509 -0.05 -45.52 45.84
N CYS A 510 -0.96 -46.49 45.96
CA CYS A 510 -1.79 -46.82 44.81
C CYS A 510 -2.73 -45.69 44.45
N LYS A 511 -3.05 -44.82 45.41
CA LYS A 511 -3.85 -43.66 45.04
C LYS A 511 -3.05 -42.51 44.46
N GLU A 512 -1.86 -42.20 45.01
CA GLU A 512 -1.02 -41.20 44.36
C GLU A 512 -0.77 -41.58 42.90
N TYR A 513 -0.51 -42.85 42.64
CA TYR A 513 -0.28 -43.27 41.26
C TYR A 513 -1.53 -43.11 40.41
N ASP A 514 -2.71 -43.15 41.01
CA ASP A 514 -3.90 -42.98 40.19
C ASP A 514 -4.17 -41.51 39.91
N GLU A 515 -4.01 -40.66 40.93
CA GLU A 515 -4.15 -39.22 40.72
C GLU A 515 -3.17 -38.73 39.66
N LEU A 516 -1.91 -39.16 39.77
CA LEU A 516 -0.93 -38.84 38.76
C LEU A 516 -1.36 -39.35 37.39
N ALA A 517 -1.99 -40.52 37.31
CA ALA A 517 -2.40 -41.01 36.01
C ALA A 517 -3.56 -40.21 35.42
N GLU A 518 -4.33 -39.47 36.24
CA GLU A 518 -5.19 -38.46 35.65
C GLU A 518 -4.36 -37.31 35.07
N THR A 519 -3.42 -36.78 35.85
CA THR A 519 -2.62 -35.66 35.38
C THR A 519 -1.83 -36.04 34.13
N GLN A 520 -1.46 -37.30 34.04
CA GLN A 520 -0.79 -37.75 32.79
C GLN A 520 -1.83 -37.66 31.68
N GLY A 521 -3.04 -38.11 31.96
CA GLY A 521 -4.09 -38.07 30.93
C GLY A 521 -4.43 -36.65 30.54
N LYS A 522 -4.43 -35.74 31.50
CA LYS A 522 -4.75 -34.32 31.26
C LYS A 522 -3.63 -33.60 30.51
N LEU A 523 -2.43 -34.16 30.42
CA LEU A 523 -1.39 -33.51 29.61
C LEU A 523 -1.31 -34.20 28.25
N GLU A 524 -1.70 -35.45 28.16
CA GLU A 524 -1.50 -36.11 26.85
C GLU A 524 -2.37 -35.49 25.75
N GLU A 525 -3.65 -35.22 26.02
CA GLU A 525 -4.50 -34.65 24.94
C GLU A 525 -4.10 -33.21 24.68
N LYS A 526 -3.64 -32.48 25.70
CA LYS A 526 -3.26 -31.07 25.52
C LYS A 526 -2.11 -31.05 24.52
N LEU A 527 -1.15 -31.96 24.64
CA LEU A 527 -0.10 -32.06 23.61
C LEU A 527 -0.76 -32.39 22.27
N GLN A 528 -1.74 -33.30 22.24
CA GLN A 528 -2.37 -33.60 20.93
C GLN A 528 -3.05 -32.33 20.42
N GLU A 529 -3.74 -31.60 21.29
CA GLU A 529 -4.44 -30.40 20.80
C GLU A 529 -3.45 -29.39 20.28
N LEU A 530 -2.37 -29.14 21.02
CA LEU A 530 -1.44 -28.09 20.56
C LEU A 530 -0.81 -28.53 19.26
N GLU A 531 -0.41 -29.77 19.18
CA GLU A 531 0.27 -30.18 17.95
C GLU A 531 -0.64 -30.04 16.73
N ALA A 532 -1.96 -30.17 16.89
CA ALA A 532 -2.90 -30.14 15.77
C ALA A 532 -3.44 -28.74 15.44
N ASN A 533 -3.19 -27.73 16.29
CA ASN A 533 -3.49 -26.34 15.97
C ASN A 533 -2.20 -25.54 15.86
N PRO A 534 -1.36 -25.77 14.85
CA PRO A 534 -0.11 -25.04 14.74
C PRO A 534 -0.33 -23.74 14.00
N PRO A 535 0.51 -22.73 14.23
CA PRO A 535 0.34 -21.46 13.53
C PRO A 535 0.83 -21.60 12.09
N SER A 536 0.84 -20.46 11.39
CA SER A 536 1.06 -20.44 9.95
C SER A 536 2.50 -20.77 9.61
N ASP A 537 2.66 -21.63 8.62
CA ASP A 537 3.97 -22.16 8.26
C ASP A 537 4.87 -21.06 7.68
N VAL A 538 4.32 -20.26 6.74
CA VAL A 538 5.05 -19.18 6.10
C VAL A 538 4.20 -17.92 6.11
N TYR A 539 4.84 -16.78 5.81
CA TYR A 539 4.09 -15.55 5.55
C TYR A 539 3.56 -15.51 4.12
N LEU A 540 4.40 -15.84 3.15
CA LEU A 540 4.01 -15.85 1.74
C LEU A 540 4.89 -16.87 1.03
N SER A 541 4.25 -17.79 0.31
CA SER A 541 4.98 -18.79 -0.47
C SER A 541 5.66 -18.13 -1.66
N SER A 542 6.60 -18.86 -2.28
CA SER A 542 7.24 -18.32 -3.48
C SER A 542 6.21 -17.98 -4.54
N ARG A 543 5.11 -18.73 -4.59
CA ARG A 543 4.05 -18.38 -5.53
C ARG A 543 3.31 -17.13 -5.07
N ASP A 544 3.06 -17.02 -3.77
CA ASP A 544 2.38 -15.85 -3.21
C ASP A 544 3.11 -14.57 -3.55
N ARG A 545 4.40 -14.50 -3.20
CA ARG A 545 5.21 -13.32 -3.46
C ARG A 545 5.29 -13.00 -4.95
N GLN A 546 5.16 -13.99 -5.85
CA GLN A 546 5.13 -13.64 -7.28
C GLN A 546 3.83 -12.96 -7.67
N ILE A 547 2.71 -13.32 -7.06
CA ILE A 547 1.47 -12.63 -7.39
C ILE A 547 1.42 -11.26 -6.70
N LEU A 548 1.97 -11.15 -5.50
CA LEU A 548 2.12 -9.85 -4.87
C LEU A 548 2.99 -8.94 -5.72
N ASP A 549 4.05 -9.49 -6.35
CA ASP A 549 4.89 -8.67 -7.21
C ASP A 549 4.12 -8.11 -8.39
N TRP A 550 3.04 -8.77 -8.81
CA TRP A 550 2.25 -8.19 -9.88
C TRP A 550 1.58 -6.92 -9.40
N HIS A 551 0.96 -6.95 -8.22
CA HIS A 551 0.33 -5.76 -7.69
C HIS A 551 1.34 -4.62 -7.49
N PHE A 552 2.60 -4.94 -7.17
CA PHE A 552 3.63 -3.93 -7.11
C PHE A 552 3.98 -3.40 -8.50
N ALA A 553 3.95 -4.28 -9.50
CA ALA A 553 4.13 -3.77 -10.87
C ALA A 553 2.99 -2.84 -11.26
N ASN A 554 1.75 -3.18 -10.89
CA ASN A 554 0.65 -2.26 -11.16
C ASN A 554 0.91 -0.89 -10.55
N LEU A 555 1.52 -0.87 -9.36
CA LEU A 555 1.70 0.38 -8.65
C LEU A 555 2.86 1.15 -9.26
N GLU A 556 3.89 0.43 -9.68
CA GLU A 556 4.99 1.00 -10.43
C GLU A 556 4.52 1.52 -11.77
N PHE A 557 3.58 0.82 -12.41
CA PHE A 557 2.87 1.38 -13.54
C PHE A 557 2.23 2.72 -13.23
N ALA A 558 1.35 2.78 -12.24
CA ALA A 558 0.64 4.04 -11.97
C ALA A 558 1.62 5.21 -11.80
N ASN A 559 2.71 5.00 -11.09
CA ASN A 559 3.65 6.06 -10.78
C ASN A 559 4.82 6.10 -11.74
N ALA A 560 4.81 5.27 -12.77
CA ALA A 560 5.85 5.18 -13.79
C ALA A 560 7.27 5.14 -13.23
N THR A 561 7.47 4.46 -12.11
CA THR A 561 8.83 4.32 -11.58
C THR A 561 8.89 3.15 -10.61
N PRO A 562 10.04 2.49 -10.47
CA PRO A 562 10.24 1.56 -9.36
C PRO A 562 9.98 2.19 -7.98
N LEU A 563 9.34 1.40 -7.12
CA LEU A 563 8.97 1.89 -5.80
C LEU A 563 10.16 2.27 -4.93
N SER A 564 11.38 1.96 -5.34
CA SER A 564 12.52 2.41 -4.54
C SER A 564 12.84 3.87 -4.77
N THR A 565 12.18 4.54 -5.72
CA THR A 565 12.38 5.96 -5.94
C THR A 565 11.25 6.84 -5.38
N LEU A 566 10.04 6.30 -5.19
CA LEU A 566 8.93 7.05 -4.62
C LEU A 566 9.23 7.47 -3.19
N SER A 567 8.97 8.74 -2.87
CA SER A 567 9.08 9.19 -1.49
C SER A 567 8.02 8.52 -0.64
N LEU A 568 8.42 7.97 0.52
CA LEU A 568 7.43 7.31 1.36
C LEU A 568 6.43 8.32 1.89
N LYS A 569 6.92 9.48 2.35
CA LYS A 569 6.02 10.47 2.93
C LYS A 569 5.02 11.01 1.90
N HIS A 570 5.45 11.27 0.67
CA HIS A 570 4.67 12.10 -0.22
C HIS A 570 4.16 11.44 -1.49
N TRP A 571 4.57 10.22 -1.81
CA TRP A 571 4.24 9.62 -3.09
C TRP A 571 2.75 9.69 -3.44
N ASP A 572 1.89 9.80 -2.43
CA ASP A 572 0.44 9.76 -2.62
C ASP A 572 -0.19 11.09 -2.17
N GLN A 573 0.61 12.16 -2.20
CA GLN A 573 0.15 13.45 -1.70
C GLN A 573 -1.03 13.99 -2.49
N ASP A 574 -1.24 13.50 -3.70
CA ASP A 574 -2.31 13.96 -4.57
C ASP A 574 -3.56 13.07 -4.55
N ASP A 575 -3.61 12.04 -3.68
CA ASP A 575 -4.80 11.17 -3.66
C ASP A 575 -6.06 11.89 -3.18
N ASP A 576 -5.93 12.99 -2.43
CA ASP A 576 -7.12 13.65 -1.92
C ASP A 576 -7.91 14.38 -3.01
N PHE A 577 -7.28 14.65 -4.16
CA PHE A 577 -7.94 15.36 -5.24
C PHE A 577 -8.39 14.42 -6.35
N GLU A 578 -8.45 13.12 -6.05
CA GLU A 578 -8.90 12.13 -7.03
C GLU A 578 -10.30 12.50 -7.52
N PHE A 579 -10.53 12.32 -8.82
CA PHE A 579 -11.86 12.56 -9.37
C PHE A 579 -12.78 11.38 -9.08
N THR A 580 -14.09 11.64 -9.05
CA THR A 580 -15.05 10.57 -8.83
C THR A 580 -15.44 9.95 -10.15
N GLY A 581 -15.76 8.65 -10.12
CA GLY A 581 -16.34 7.95 -11.23
C GLY A 581 -15.39 6.91 -11.81
N SER A 582 -15.90 6.20 -12.81
CA SER A 582 -15.12 5.18 -13.46
C SER A 582 -13.98 5.82 -14.25
N HIS A 583 -12.93 5.04 -14.48
CA HIS A 583 -11.96 5.46 -15.46
C HIS A 583 -12.49 5.11 -16.83
N LEU A 584 -11.89 5.73 -17.86
CA LEU A 584 -12.39 5.56 -19.23
C LEU A 584 -11.24 5.50 -20.20
N THR A 585 -11.53 5.01 -21.39
CA THR A 585 -10.60 5.06 -22.50
C THR A 585 -11.25 5.83 -23.62
N VAL A 586 -10.45 6.02 -24.67
CA VAL A 586 -10.81 6.82 -25.83
C VAL A 586 -10.71 5.86 -27.01
N ARG A 587 -11.86 5.35 -27.47
CA ARG A 587 -11.82 4.35 -28.54
C ARG A 587 -11.20 4.92 -29.81
N ASN A 588 -11.44 6.20 -30.12
CA ASN A 588 -11.00 6.79 -31.38
C ASN A 588 -9.60 7.41 -31.34
N GLY A 589 -8.89 7.30 -30.22
CA GLY A 589 -7.53 7.83 -30.13
C GLY A 589 -7.52 9.14 -29.39
N TYR A 590 -6.64 9.27 -28.41
CA TYR A 590 -6.67 10.45 -27.55
C TYR A 590 -6.00 11.64 -28.21
N SER A 591 -5.35 11.43 -29.36
CA SER A 591 -4.80 12.53 -30.15
C SER A 591 -5.89 13.43 -30.71
N CYS A 592 -7.15 12.98 -30.70
CA CYS A 592 -8.18 13.83 -31.28
C CYS A 592 -8.35 15.11 -30.49
N VAL A 593 -7.97 15.10 -29.21
CA VAL A 593 -8.09 16.24 -28.30
C VAL A 593 -7.05 17.31 -28.65
N PRO A 594 -5.75 17.02 -28.59
CA PRO A 594 -4.79 18.05 -29.00
C PRO A 594 -5.00 18.51 -30.43
N VAL A 595 -5.20 17.59 -31.36
CA VAL A 595 -5.43 17.98 -32.75
C VAL A 595 -6.57 18.99 -32.83
N ALA A 596 -7.56 18.84 -31.96
CA ALA A 596 -8.68 19.77 -31.98
C ALA A 596 -8.29 21.10 -31.36
N LEU A 597 -7.55 21.07 -30.27
CA LEU A 597 -7.12 22.30 -29.63
C LEU A 597 -6.28 23.14 -30.58
N ALA A 598 -5.48 22.49 -31.41
CA ALA A 598 -4.59 23.17 -32.33
C ALA A 598 -5.32 23.94 -33.44
N GLU A 599 -6.64 23.78 -33.57
CA GLU A 599 -7.38 24.44 -34.63
C GLU A 599 -7.33 25.96 -34.47
N GLY A 600 -6.73 26.64 -35.44
CA GLY A 600 -6.68 28.08 -35.44
C GLY A 600 -5.45 28.70 -34.84
N LEU A 601 -4.40 27.91 -34.61
CA LEU A 601 -3.26 28.34 -33.83
C LEU A 601 -2.02 28.33 -34.69
N ASP A 602 -1.11 29.26 -34.39
CA ASP A 602 0.15 29.39 -35.11
C ASP A 602 1.17 28.41 -34.52
N ILE A 603 1.37 27.27 -35.19
CA ILE A 603 2.24 26.23 -34.68
C ILE A 603 3.36 26.00 -35.68
N LYS A 604 4.59 26.06 -35.21
CA LYS A 604 5.76 25.79 -36.04
C LYS A 604 6.26 24.41 -35.70
N LEU A 605 5.89 23.42 -36.53
CA LEU A 605 6.38 22.06 -36.32
C LEU A 605 7.82 21.94 -36.79
N ASN A 606 8.47 20.86 -36.37
CA ASN A 606 9.86 20.61 -36.72
C ASN A 606 10.74 21.81 -36.40
N THR A 607 10.51 22.37 -35.21
CA THR A 607 11.15 23.61 -34.76
C THR A 607 11.63 23.34 -33.33
N ALA A 608 12.92 23.08 -33.18
CA ALA A 608 13.45 22.74 -31.86
C ALA A 608 14.14 23.91 -31.20
N VAL A 609 13.70 24.29 -30.02
CA VAL A 609 14.30 25.43 -29.28
C VAL A 609 15.66 24.99 -28.78
N ARG A 610 16.66 25.85 -28.86
CA ARG A 610 17.99 25.47 -28.35
C ARG A 610 18.40 26.45 -27.28
N GLN A 611 17.94 27.69 -27.38
CA GLN A 611 18.34 28.66 -26.35
C GLN A 611 17.14 29.53 -26.06
N VAL A 612 16.97 29.90 -24.79
CA VAL A 612 15.89 30.84 -24.42
C VAL A 612 16.58 32.01 -23.76
N ARG A 613 16.35 33.21 -24.28
CA ARG A 613 17.02 34.40 -23.75
C ARG A 613 15.96 35.31 -23.18
N TYR A 614 16.17 35.78 -21.97
CA TYR A 614 15.14 36.60 -21.34
C TYR A 614 15.84 37.72 -20.57
N THR A 615 15.41 38.95 -20.84
CA THR A 615 16.05 40.17 -20.35
C THR A 615 14.95 41.10 -19.90
N ALA A 616 15.35 42.24 -19.33
CA ALA A 616 14.35 43.14 -18.77
C ALA A 616 13.42 43.70 -19.83
N SER A 617 13.82 43.72 -21.09
CA SER A 617 13.01 44.37 -22.11
C SER A 617 12.22 43.37 -22.94
N GLY A 618 12.54 42.09 -22.84
CA GLY A 618 11.82 41.07 -23.59
C GLY A 618 12.67 39.80 -23.73
N CYS A 619 12.28 38.98 -24.70
CA CYS A 619 12.83 37.65 -24.81
C CYS A 619 13.07 37.33 -26.27
N GLU A 620 14.06 36.48 -26.51
CA GLU A 620 14.23 35.92 -27.84
C GLU A 620 14.54 34.44 -27.71
N VAL A 621 13.77 33.63 -28.45
CA VAL A 621 13.90 32.18 -28.46
C VAL A 621 14.60 31.76 -29.76
N ILE A 622 15.62 30.91 -29.65
CA ILE A 622 16.46 30.48 -30.77
C ILE A 622 16.20 29.03 -31.11
N ALA A 623 15.57 28.77 -32.25
CA ALA A 623 15.22 27.41 -32.63
C ALA A 623 15.85 27.00 -33.96
N VAL A 624 16.13 25.70 -34.12
CA VAL A 624 16.61 25.16 -35.39
C VAL A 624 15.51 24.29 -36.00
N ASN A 625 15.71 23.95 -37.27
CA ASN A 625 14.82 23.00 -37.95
C ASN A 625 15.30 21.57 -37.68
N THR A 626 14.39 20.72 -37.22
CA THR A 626 14.79 19.36 -36.83
C THR A 626 15.26 18.53 -38.02
N ARG A 627 14.70 18.82 -39.19
CA ARG A 627 15.10 18.12 -40.42
C ARG A 627 16.52 18.56 -40.74
N SER A 628 16.72 19.82 -41.10
CA SER A 628 18.09 20.34 -41.33
C SER A 628 18.43 21.28 -40.17
N THR A 629 19.41 20.95 -39.34
CA THR A 629 19.70 21.77 -38.15
C THR A 629 20.46 23.04 -38.50
N SER A 630 21.00 23.17 -39.68
CA SER A 630 21.72 24.42 -40.01
C SER A 630 20.75 25.59 -40.03
N GLN A 631 19.52 25.40 -40.52
CA GLN A 631 18.58 26.54 -40.59
C GLN A 631 18.28 27.00 -39.18
N THR A 632 18.43 28.29 -38.89
CA THR A 632 18.25 28.82 -37.52
C THR A 632 17.17 29.89 -37.52
N PHE A 633 16.30 29.88 -36.51
CA PHE A 633 15.22 30.88 -36.42
C PHE A 633 15.32 31.62 -35.10
N ILE A 634 14.93 32.89 -35.12
CA ILE A 634 14.98 33.75 -33.92
C ILE A 634 13.59 34.34 -33.72
N TYR A 635 13.02 34.14 -32.54
CA TYR A 635 11.66 34.55 -32.25
C TYR A 635 11.73 35.53 -31.10
N LYS A 636 11.17 36.70 -31.29
CA LYS A 636 11.26 37.72 -30.26
C LYS A 636 9.87 37.90 -29.70
N CYS A 637 9.80 38.23 -28.41
CA CYS A 637 8.51 38.17 -27.75
C CYS A 637 8.63 38.81 -26.39
N ASP A 638 7.47 39.19 -25.84
CA ASP A 638 7.42 39.79 -24.51
C ASP A 638 7.59 38.74 -23.40
N ALA A 639 7.21 37.48 -23.67
CA ALA A 639 7.20 36.42 -22.67
C ALA A 639 7.32 35.05 -23.34
N VAL A 640 8.01 34.15 -22.65
CA VAL A 640 8.08 32.73 -23.02
C VAL A 640 7.29 31.90 -22.01
N LEU A 641 6.49 30.95 -22.54
CA LEU A 641 5.86 29.90 -21.74
C LEU A 641 6.58 28.60 -22.08
N CYS A 642 7.49 28.19 -21.21
CA CYS A 642 8.15 26.89 -21.34
C CYS A 642 7.21 25.76 -20.90
N THR A 643 6.86 24.84 -21.81
CA THR A 643 6.22 23.61 -21.35
C THR A 643 7.10 22.41 -21.67
N LEU A 644 8.40 22.63 -21.67
CA LEU A 644 9.35 21.56 -21.87
C LEU A 644 9.11 20.48 -20.83
N PRO A 645 9.05 19.21 -21.22
CA PRO A 645 8.91 18.14 -20.25
C PRO A 645 10.03 18.15 -19.22
N LEU A 646 9.73 17.63 -18.03
CA LEU A 646 10.73 17.66 -16.97
C LEU A 646 11.96 16.85 -17.35
N GLY A 647 11.78 15.79 -18.13
CA GLY A 647 12.94 15.00 -18.54
C GLY A 647 13.87 15.78 -19.44
N VAL A 648 13.33 16.75 -20.17
CA VAL A 648 14.15 17.57 -21.03
C VAL A 648 14.91 18.60 -20.20
N LEU A 649 14.19 19.32 -19.34
CA LEU A 649 14.82 20.25 -18.39
C LEU A 649 15.90 19.59 -17.54
N LYS A 650 15.84 18.25 -17.39
CA LYS A 650 16.78 17.50 -16.55
C LYS A 650 18.04 17.14 -17.29
N GLN A 651 18.01 17.21 -18.63
CA GLN A 651 19.05 16.65 -19.48
C GLN A 651 20.40 17.32 -19.24
N GLN A 652 21.40 16.52 -18.90
CA GLN A 652 22.81 16.96 -18.89
C GLN A 652 23.60 16.17 -19.92
N PRO A 653 24.24 16.81 -20.92
CA PRO A 653 24.31 18.27 -21.09
C PRO A 653 23.03 18.85 -21.68
N PRO A 654 22.72 20.10 -21.34
CA PRO A 654 21.43 20.71 -21.68
C PRO A 654 21.04 20.57 -23.15
N ALA A 655 19.80 20.15 -23.37
CA ALA A 655 19.21 20.23 -24.71
C ALA A 655 18.82 21.66 -25.04
N VAL A 656 18.45 22.41 -24.01
CA VAL A 656 18.03 23.81 -24.12
C VAL A 656 18.80 24.62 -23.10
N GLN A 657 19.34 25.74 -23.53
CA GLN A 657 20.17 26.60 -22.71
C GLN A 657 19.37 27.84 -22.31
N PHE A 658 19.46 28.23 -21.05
CA PHE A 658 18.77 29.43 -20.61
C PHE A 658 19.78 30.55 -20.41
N VAL A 659 19.44 31.73 -20.89
CA VAL A 659 20.31 32.90 -20.82
C VAL A 659 19.52 34.05 -20.25
N PRO A 660 19.82 34.48 -19.01
CA PRO A 660 20.81 33.86 -18.11
C PRO A 660 20.37 32.48 -17.57
N PRO A 661 21.31 31.70 -17.02
CA PRO A 661 20.93 30.39 -16.43
C PRO A 661 19.79 30.52 -15.43
N LEU A 662 19.07 29.43 -15.25
CA LEU A 662 17.99 29.38 -14.26
C LEU A 662 18.57 29.46 -12.85
N PRO A 663 17.91 30.18 -11.94
CA PRO A 663 18.43 30.26 -10.57
C PRO A 663 18.49 28.90 -9.92
N GLU A 664 19.33 28.80 -8.89
CA GLU A 664 19.52 27.53 -8.18
C GLU A 664 18.19 26.98 -7.63
N TRP A 665 17.35 27.84 -7.05
CA TRP A 665 16.10 27.32 -6.53
C TRP A 665 15.30 26.57 -7.59
N LYS A 666 15.42 26.96 -8.85
CA LYS A 666 14.73 26.24 -9.91
C LYS A 666 15.48 24.98 -10.33
N THR A 667 16.80 25.07 -10.58
CA THR A 667 17.51 23.89 -11.06
C THR A 667 17.55 22.79 -10.01
N SER A 668 17.53 23.16 -8.72
CA SER A 668 17.47 22.14 -7.66
C SER A 668 16.13 21.45 -7.60
N ALA A 669 15.03 22.17 -7.78
CA ALA A 669 13.76 21.48 -7.91
C ALA A 669 13.80 20.51 -9.07
N VAL A 670 14.42 20.92 -10.19
CA VAL A 670 14.53 20.03 -11.34
C VAL A 670 15.30 18.77 -10.98
N GLN A 671 16.39 18.90 -10.23
CA GLN A 671 17.16 17.70 -9.89
C GLN A 671 16.40 16.83 -8.90
N ARG A 672 15.71 17.44 -7.94
CA ARG A 672 15.06 16.68 -6.89
C ARG A 672 13.87 15.89 -7.42
N MET A 673 13.12 16.47 -8.36
CA MET A 673 11.93 15.76 -8.77
C MET A 673 12.29 14.46 -9.49
N GLY A 674 11.26 13.69 -9.75
CA GLY A 674 11.42 12.41 -10.40
C GLY A 674 10.78 12.49 -11.76
N PHE A 675 11.47 11.95 -12.76
CA PHE A 675 10.84 11.76 -14.05
C PHE A 675 10.89 10.26 -14.32
N GLY A 676 9.71 9.65 -14.38
CA GLY A 676 9.60 8.23 -14.54
C GLY A 676 9.62 7.80 -15.99
N ASN A 677 9.23 6.54 -16.20
CA ASN A 677 9.34 5.86 -17.48
C ASN A 677 8.37 4.69 -17.49
N LEU A 678 7.81 4.41 -18.67
CA LEU A 678 6.68 3.50 -18.86
C LEU A 678 6.42 3.35 -20.34
N ASN A 679 6.46 2.13 -20.90
CA ASN A 679 6.35 1.97 -22.35
C ASN A 679 5.18 1.08 -22.72
N LYS A 680 4.83 1.08 -24.00
CA LYS A 680 3.70 0.31 -24.48
C LYS A 680 4.10 -0.51 -25.70
N VAL A 681 3.52 -1.70 -25.82
CA VAL A 681 3.62 -2.48 -27.04
C VAL A 681 2.23 -2.63 -27.61
N VAL A 682 2.02 -2.06 -28.79
CA VAL A 682 0.75 -2.20 -29.49
C VAL A 682 0.84 -3.41 -30.41
N LEU A 683 -0.11 -4.34 -30.26
CA LEU A 683 -0.14 -5.59 -31.01
C LEU A 683 -1.38 -5.61 -31.88
N CYS A 684 -1.17 -5.65 -33.20
CA CYS A 684 -2.24 -5.52 -34.18
C CYS A 684 -2.49 -6.86 -34.85
N PHE A 685 -3.67 -7.42 -34.62
CA PHE A 685 -4.03 -8.75 -35.09
C PHE A 685 -5.14 -8.63 -36.13
N ASP A 686 -5.39 -9.73 -36.83
CA ASP A 686 -6.49 -9.78 -37.78
C ASP A 686 -7.77 -10.36 -37.20
N ARG A 687 -7.73 -10.91 -35.98
CA ARG A 687 -8.90 -11.54 -35.38
C ARG A 687 -8.80 -11.47 -33.87
N VAL A 688 -9.95 -11.34 -33.21
CA VAL A 688 -9.98 -11.34 -31.76
C VAL A 688 -9.84 -12.78 -31.27
N PHE A 689 -8.89 -13.03 -30.38
CA PHE A 689 -8.71 -14.35 -29.81
C PHE A 689 -8.70 -14.34 -28.29
N TRP A 690 -9.11 -13.25 -27.67
CA TRP A 690 -9.09 -13.09 -26.23
C TRP A 690 -10.52 -12.91 -25.76
N ASP A 691 -10.70 -12.80 -24.47
CA ASP A 691 -12.04 -12.56 -23.98
C ASP A 691 -12.47 -11.14 -24.31
N PRO A 692 -13.46 -10.94 -25.20
CA PRO A 692 -13.91 -9.58 -25.53
C PRO A 692 -14.58 -8.86 -24.39
N SER A 693 -14.92 -9.55 -23.33
CA SER A 693 -15.67 -8.96 -22.23
C SER A 693 -14.77 -8.46 -21.11
N VAL A 694 -13.47 -8.76 -21.16
CA VAL A 694 -12.50 -8.18 -20.25
C VAL A 694 -11.72 -7.12 -21.01
N ASN A 695 -11.61 -5.93 -20.42
CA ASN A 695 -10.79 -4.89 -21.01
C ASN A 695 -9.31 -5.12 -20.74
N LEU A 696 -8.98 -5.79 -19.64
CA LEU A 696 -7.59 -5.89 -19.24
C LEU A 696 -7.31 -7.19 -18.48
N PHE A 697 -6.13 -7.77 -18.72
CA PHE A 697 -5.74 -8.98 -18.03
C PHE A 697 -4.24 -9.01 -17.80
N GLY A 698 -3.82 -9.77 -16.79
CA GLY A 698 -2.46 -9.68 -16.30
C GLY A 698 -1.59 -10.90 -16.54
N HIS A 699 -0.28 -10.71 -16.49
CA HIS A 699 0.70 -11.78 -16.57
C HIS A 699 1.61 -11.64 -15.36
N VAL A 700 1.75 -12.72 -14.59
CA VAL A 700 2.60 -12.68 -13.42
C VAL A 700 4.01 -13.09 -13.79
N GLY A 701 4.98 -12.33 -13.29
CA GLY A 701 6.35 -12.55 -13.68
C GLY A 701 6.99 -13.67 -12.86
N SER A 702 7.90 -14.37 -13.52
CA SER A 702 8.64 -15.45 -12.85
C SER A 702 9.60 -14.93 -11.79
N THR A 703 9.95 -13.64 -11.82
CA THR A 703 10.85 -13.10 -10.82
C THR A 703 10.46 -11.67 -10.48
N THR A 704 10.99 -11.20 -9.36
CA THR A 704 10.73 -9.83 -8.90
C THR A 704 11.32 -8.80 -9.87
N ALA A 705 12.58 -9.00 -10.26
CA ALA A 705 13.25 -8.05 -11.14
C ALA A 705 12.47 -7.82 -12.43
N SER A 706 11.77 -8.83 -12.94
CA SER A 706 11.02 -8.65 -14.17
C SER A 706 9.52 -8.47 -13.90
N ARG A 707 9.14 -8.02 -12.70
CA ARG A 707 7.73 -7.96 -12.38
C ARG A 707 6.97 -7.02 -13.30
N GLY A 708 7.65 -6.02 -13.87
CA GLY A 708 7.03 -5.07 -14.77
C GLY A 708 7.07 -5.45 -16.24
N GLU A 709 7.84 -6.49 -16.60
CA GLU A 709 8.09 -6.85 -17.99
C GLU A 709 6.85 -7.52 -18.58
N LEU A 710 6.08 -6.74 -19.34
CA LEU A 710 4.89 -7.21 -20.05
C LEU A 710 3.83 -7.76 -19.10
N PHE A 711 3.60 -7.06 -18.00
CA PHE A 711 2.75 -7.57 -16.93
C PHE A 711 1.26 -7.31 -17.12
N LEU A 712 0.83 -6.62 -18.17
CA LEU A 712 -0.58 -6.27 -18.24
C LEU A 712 -0.98 -5.93 -19.68
N PHE A 713 -2.22 -6.28 -20.03
CA PHE A 713 -2.70 -6.22 -21.41
C PHE A 713 -4.06 -5.52 -21.46
N TRP A 714 -4.30 -4.75 -22.54
CA TRP A 714 -5.53 -3.96 -22.67
C TRP A 714 -6.24 -4.22 -23.98
N ASN A 715 -7.55 -4.49 -23.91
CA ASN A 715 -8.43 -4.59 -25.07
C ASN A 715 -9.39 -3.40 -24.97
N LEU A 716 -8.98 -2.28 -25.58
CA LEU A 716 -9.73 -1.05 -25.48
C LEU A 716 -10.39 -0.64 -26.78
N TYR A 717 -9.99 -1.24 -27.90
CA TYR A 717 -10.34 -0.70 -29.20
C TYR A 717 -11.31 -1.58 -29.95
N LYS A 718 -11.90 -0.97 -30.98
CA LYS A 718 -12.80 -1.66 -31.89
C LYS A 718 -12.05 -2.72 -32.68
N ALA A 719 -11.03 -2.31 -33.42
CA ALA A 719 -10.22 -3.24 -34.16
C ALA A 719 -9.51 -4.20 -33.21
N PRO A 720 -9.11 -5.36 -33.71
CA PRO A 720 -8.36 -6.31 -32.87
C PRO A 720 -6.99 -5.81 -32.48
N ILE A 721 -6.90 -5.06 -31.39
CA ILE A 721 -5.64 -4.54 -30.90
C ILE A 721 -5.54 -4.91 -29.42
N LEU A 722 -4.47 -5.59 -29.07
CA LEU A 722 -4.08 -5.66 -27.68
C LEU A 722 -2.88 -4.74 -27.47
N LEU A 723 -2.75 -4.27 -26.24
CA LEU A 723 -1.79 -3.27 -25.86
C LEU A 723 -1.18 -3.69 -24.54
N ALA A 724 0.15 -3.73 -24.47
CA ALA A 724 0.87 -4.36 -23.35
C ALA A 724 1.86 -3.38 -22.70
N LEU A 725 1.89 -3.39 -21.37
CA LEU A 725 2.63 -2.40 -20.58
C LEU A 725 3.99 -2.94 -20.16
N VAL A 726 5.00 -2.07 -20.12
CA VAL A 726 6.31 -2.39 -19.55
C VAL A 726 6.60 -1.35 -18.46
N ALA A 727 6.41 -1.72 -17.19
CA ALA A 727 6.56 -0.79 -16.07
C ALA A 727 7.83 -1.09 -15.28
N GLY A 728 8.01 -0.36 -14.19
CA GLY A 728 9.03 -0.61 -13.18
C GLY A 728 10.44 -0.56 -13.76
N GLU A 729 11.35 -1.27 -13.10
CA GLU A 729 12.72 -1.35 -13.59
C GLU A 729 12.80 -1.99 -14.97
N ALA A 730 11.74 -2.68 -15.40
CA ALA A 730 11.75 -3.28 -16.73
C ALA A 730 11.66 -2.22 -17.83
N ALA A 731 10.98 -1.11 -17.57
CA ALA A 731 10.75 -0.11 -18.62
C ALA A 731 12.05 0.40 -19.21
N GLY A 732 13.00 0.78 -18.34
CA GLY A 732 14.25 1.34 -18.83
C GLY A 732 15.14 0.32 -19.50
N ILE A 733 14.98 -0.95 -19.15
CA ILE A 733 15.84 -2.01 -19.68
C ILE A 733 15.31 -2.56 -21.00
N MET A 734 13.99 -2.72 -21.13
CA MET A 734 13.40 -3.16 -22.39
C MET A 734 13.64 -2.17 -23.53
N GLU A 735 14.28 -1.04 -23.27
CA GLU A 735 14.50 -0.13 -24.37
C GLU A 735 15.77 -0.42 -25.16
N ASN A 736 16.67 -1.23 -24.62
CA ASN A 736 17.84 -1.75 -25.35
C ASN A 736 17.56 -3.09 -26.00
N ILE A 737 16.31 -3.48 -26.14
CA ILE A 737 15.91 -4.74 -26.75
C ILE A 737 15.11 -4.41 -28.00
N SER A 738 15.43 -5.09 -29.10
CA SER A 738 14.80 -4.77 -30.37
C SER A 738 13.29 -5.09 -30.35
N ASP A 739 12.59 -4.54 -31.34
CA ASP A 739 11.14 -4.76 -31.46
C ASP A 739 10.79 -6.25 -31.54
N ASP A 740 11.43 -6.97 -32.47
CA ASP A 740 11.05 -8.36 -32.71
C ASP A 740 11.23 -9.20 -31.45
N VAL A 741 12.35 -9.02 -30.74
CA VAL A 741 12.56 -9.71 -29.48
C VAL A 741 11.44 -9.36 -28.48
N ILE A 742 11.02 -8.10 -28.45
CA ILE A 742 9.93 -7.72 -27.53
C ILE A 742 8.62 -8.34 -28.00
N VAL A 743 8.32 -8.26 -29.30
CA VAL A 743 7.06 -8.81 -29.76
C VAL A 743 7.04 -10.32 -29.57
N GLY A 744 8.19 -10.98 -29.72
CA GLY A 744 8.34 -12.37 -29.37
C GLY A 744 7.88 -12.67 -27.95
N ARG A 745 8.47 -12.00 -26.95
CA ARG A 745 8.07 -12.26 -25.58
C ARG A 745 6.57 -12.03 -25.38
N CYS A 746 5.98 -11.05 -26.08
CA CYS A 746 4.52 -10.86 -25.97
C CYS A 746 3.77 -12.08 -26.50
N LEU A 747 4.19 -12.60 -27.66
CA LEU A 747 3.47 -13.73 -28.22
C LEU A 747 3.62 -14.96 -27.34
N ALA A 748 4.87 -15.27 -26.94
CA ALA A 748 5.13 -16.27 -25.92
C ALA A 748 4.11 -16.21 -24.79
N ILE A 749 4.04 -15.07 -24.09
CA ILE A 749 3.15 -14.94 -22.94
C ILE A 749 1.69 -15.17 -23.35
N LEU A 750 1.32 -14.72 -24.54
CA LEU A 750 -0.06 -14.86 -24.99
C LEU A 750 -0.37 -16.30 -25.41
N LYS A 751 0.59 -17.00 -26.03
CA LYS A 751 0.46 -18.43 -26.30
C LYS A 751 0.13 -19.22 -25.04
N GLY A 752 0.93 -19.03 -23.98
CA GLY A 752 0.66 -19.68 -22.71
C GLY A 752 -0.72 -19.42 -22.15
N ILE A 753 -1.28 -18.22 -22.40
CA ILE A 753 -2.66 -17.97 -21.97
C ILE A 753 -3.63 -18.75 -22.82
N PHE A 754 -3.52 -18.57 -24.13
CA PHE A 754 -4.61 -18.88 -25.03
C PHE A 754 -4.30 -20.08 -25.90
N GLY A 755 -3.19 -20.75 -25.65
CA GLY A 755 -2.82 -21.89 -26.44
C GLY A 755 -2.04 -21.46 -27.66
N SER A 756 -1.01 -22.25 -27.99
CA SER A 756 -0.02 -21.91 -28.99
C SER A 756 -0.58 -21.81 -30.41
N SER A 757 -1.87 -22.03 -30.59
CA SER A 757 -2.45 -22.05 -31.92
C SER A 757 -3.59 -21.06 -32.11
N ALA A 758 -3.99 -20.34 -31.06
CA ALA A 758 -4.99 -19.28 -31.17
C ALA A 758 -4.37 -17.90 -31.42
N VAL A 759 -3.05 -17.76 -31.31
CA VAL A 759 -2.37 -16.48 -31.47
C VAL A 759 -1.78 -16.41 -32.88
N PRO A 760 -2.30 -15.54 -33.75
CA PRO A 760 -1.64 -15.31 -35.05
C PRO A 760 -0.43 -14.43 -34.86
N GLN A 761 0.47 -14.48 -35.83
CA GLN A 761 1.50 -13.45 -35.85
C GLN A 761 0.85 -12.10 -36.11
N PRO A 762 1.27 -11.05 -35.40
CA PRO A 762 0.61 -9.75 -35.52
C PRO A 762 0.93 -9.08 -36.85
N LYS A 763 -0.08 -8.40 -37.40
CA LYS A 763 0.10 -7.71 -38.66
C LYS A 763 0.91 -6.42 -38.51
N GLU A 764 0.63 -5.63 -37.47
CA GLU A 764 1.36 -4.39 -37.16
C GLU A 764 1.84 -4.39 -35.71
N THR A 765 3.05 -3.86 -35.49
CA THR A 765 3.66 -3.77 -34.17
C THR A 765 4.41 -2.46 -33.96
N VAL A 766 4.04 -1.75 -32.89
CA VAL A 766 4.66 -0.51 -32.46
C VAL A 766 5.16 -0.68 -31.03
N VAL A 767 6.42 -0.30 -30.78
CA VAL A 767 7.00 -0.33 -29.45
C VAL A 767 7.49 1.08 -29.11
N SER A 768 6.94 1.66 -28.04
CA SER A 768 7.34 2.98 -27.56
C SER A 768 8.65 2.92 -26.76
N ARG A 769 9.44 4.01 -26.85
CA ARG A 769 10.65 4.16 -26.01
C ARG A 769 10.70 5.61 -25.53
N TRP A 770 9.94 5.90 -24.48
CA TRP A 770 9.81 7.26 -24.05
C TRP A 770 11.07 7.78 -23.40
N ARG A 771 11.86 6.93 -22.74
CA ARG A 771 13.09 7.49 -22.18
C ARG A 771 14.09 7.83 -23.29
N ALA A 772 13.96 7.16 -24.44
CA ALA A 772 14.84 7.42 -25.57
C ALA A 772 14.41 8.64 -26.36
N ASP A 773 13.12 8.97 -26.31
CA ASP A 773 12.56 10.07 -27.07
C ASP A 773 13.19 11.39 -26.60
N PRO A 774 13.92 12.09 -27.46
CA PRO A 774 14.61 13.31 -27.01
C PRO A 774 13.67 14.48 -26.68
N TRP A 775 12.40 14.45 -27.07
CA TRP A 775 11.45 15.49 -26.69
C TRP A 775 10.61 15.09 -25.47
N ALA A 776 10.94 13.97 -24.83
CA ALA A 776 10.26 13.50 -23.64
C ALA A 776 11.30 13.20 -22.59
N ARG A 777 12.14 12.21 -22.85
CA ARG A 777 13.18 11.80 -21.91
C ARG A 777 12.58 11.16 -20.67
N GLY A 778 11.38 10.61 -20.82
CA GLY A 778 10.68 9.90 -19.77
C GLY A 778 9.21 9.81 -20.15
N SER A 779 8.40 9.43 -19.16
CA SER A 779 6.96 9.36 -19.41
C SER A 779 6.17 10.38 -18.62
N TYR A 780 6.43 10.53 -17.32
CA TYR A 780 5.81 11.59 -16.54
C TYR A 780 6.45 11.62 -15.16
N SER A 781 6.14 12.68 -14.42
CA SER A 781 6.85 12.92 -13.18
C SER A 781 6.25 12.09 -12.04
N TYR A 782 6.99 12.04 -10.95
CA TYR A 782 6.66 11.25 -9.79
C TYR A 782 7.30 11.93 -8.61
N VAL A 783 6.79 11.68 -7.40
CA VAL A 783 7.32 12.38 -6.23
C VAL A 783 8.51 11.55 -5.74
N ALA A 784 9.70 11.93 -6.13
CA ALA A 784 10.91 11.21 -5.74
C ALA A 784 11.12 11.26 -4.24
N ALA A 785 11.80 10.24 -3.73
CA ALA A 785 12.29 10.31 -2.37
C ALA A 785 13.26 11.49 -2.26
N GLY A 786 13.10 12.29 -1.21
CA GLY A 786 13.87 13.51 -1.04
C GLY A 786 13.17 14.75 -1.58
N SER A 787 12.15 14.57 -2.39
CA SER A 787 11.37 15.63 -2.98
C SER A 787 10.07 15.73 -2.20
N SER A 788 9.14 16.53 -2.70
CA SER A 788 7.87 16.76 -2.04
C SER A 788 7.00 17.57 -2.98
N GLY A 789 5.74 17.74 -2.60
CA GLY A 789 4.85 18.47 -3.47
C GLY A 789 5.24 19.93 -3.64
N ASN A 790 6.01 20.48 -2.71
CA ASN A 790 6.42 21.87 -2.83
C ASN A 790 7.30 22.09 -4.06
N ASP A 791 8.12 21.10 -4.44
CA ASP A 791 8.90 21.21 -5.67
C ASP A 791 8.01 21.48 -6.88
N TYR A 792 6.81 20.91 -6.88
CA TYR A 792 5.88 21.17 -7.97
C TYR A 792 5.46 22.63 -8.02
N ASP A 793 5.52 23.35 -6.90
CA ASP A 793 5.16 24.75 -6.89
C ASP A 793 6.33 25.62 -7.24
N LEU A 794 7.52 25.22 -6.82
CA LEU A 794 8.74 25.80 -7.33
C LEU A 794 8.80 25.71 -8.85
N MET A 795 8.43 24.56 -9.43
CA MET A 795 8.49 24.44 -10.89
C MET A 795 7.54 25.39 -11.57
N ALA A 796 6.53 25.87 -10.87
CA ALA A 796 5.54 26.71 -11.50
C ALA A 796 5.86 28.20 -11.39
N GLN A 797 6.82 28.59 -10.54
CA GLN A 797 7.07 30.02 -10.33
C GLN A 797 7.76 30.61 -11.55
N PRO A 798 7.25 31.71 -12.10
CA PRO A 798 7.91 32.32 -13.27
C PRO A 798 9.25 32.91 -12.87
N ILE A 799 10.04 33.26 -13.89
CA ILE A 799 11.35 33.87 -13.69
C ILE A 799 11.32 35.35 -14.10
N THR A 800 11.88 36.19 -13.23
CA THR A 800 12.02 37.62 -13.46
C THR A 800 13.49 37.95 -13.68
N PRO A 801 13.87 38.41 -14.86
CA PRO A 801 15.29 38.71 -15.11
C PRO A 801 15.74 39.90 -14.29
N GLY A 802 17.05 40.11 -14.24
CA GLY A 802 17.60 41.28 -13.58
C GLY A 802 17.42 42.53 -14.41
N PRO A 803 17.77 43.68 -13.82
CA PRO A 803 17.66 44.93 -14.59
C PRO A 803 18.76 45.06 -15.64
N SER A 804 18.41 45.66 -16.79
CA SER A 804 19.40 45.96 -17.83
C SER A 804 20.35 47.06 -17.37
N ILE A 805 19.80 48.23 -17.05
CA ILE A 805 20.56 49.34 -16.49
C ILE A 805 20.57 49.13 -14.98
N PRO A 806 21.74 49.12 -14.33
CA PRO A 806 21.76 49.03 -12.86
C PRO A 806 21.02 50.20 -12.21
N GLY A 807 20.31 49.89 -11.12
CA GLY A 807 19.43 50.86 -10.48
C GLY A 807 18.15 51.15 -11.24
N ALA A 808 17.85 50.41 -12.28
CA ALA A 808 16.56 50.58 -12.95
C ALA A 808 15.51 49.74 -12.25
N PRO A 809 14.24 50.10 -12.37
CA PRO A 809 13.22 49.46 -11.53
C PRO A 809 13.12 47.98 -11.81
N GLN A 810 12.72 47.23 -10.77
CA GLN A 810 12.53 45.78 -10.82
C GLN A 810 11.57 45.39 -11.95
N PRO A 811 12.02 44.60 -12.92
CA PRO A 811 11.15 44.33 -14.06
C PRO A 811 10.01 43.36 -13.78
N ILE A 812 9.32 43.10 -14.88
CA ILE A 812 8.19 42.20 -15.09
C ILE A 812 8.75 40.78 -15.07
N PRO A 813 7.94 39.74 -14.80
CA PRO A 813 8.43 38.39 -15.02
C PRO A 813 8.31 38.02 -16.49
N ARG A 814 9.26 37.25 -16.98
CA ARG A 814 9.39 37.06 -18.42
C ARG A 814 9.32 35.60 -18.85
N LEU A 815 9.73 34.66 -18.01
CA LEU A 815 9.80 33.25 -18.34
C LEU A 815 8.82 32.48 -17.46
N PHE A 816 7.87 31.77 -18.10
CA PHE A 816 6.79 31.08 -17.42
C PHE A 816 6.83 29.57 -17.70
N PHE A 817 6.29 28.79 -16.77
CA PHE A 817 6.36 27.34 -16.87
C PHE A 817 5.00 26.69 -16.70
N ALA A 818 4.78 25.61 -17.42
CA ALA A 818 3.54 24.85 -17.36
C ALA A 818 3.85 23.44 -17.82
N GLY A 819 2.81 22.61 -17.87
CA GLY A 819 3.00 21.19 -18.12
C GLY A 819 2.82 20.36 -16.86
N GLU A 820 2.77 19.03 -17.07
CA GLU A 820 2.32 18.16 -16.00
C GLU A 820 3.22 18.27 -14.78
N HIS A 821 4.50 18.58 -14.96
CA HIS A 821 5.39 18.59 -13.81
C HIS A 821 5.24 19.84 -12.98
N THR A 822 4.26 20.71 -13.28
CA THR A 822 4.12 22.02 -12.65
C THR A 822 2.81 22.22 -11.87
N ILE A 823 1.98 21.21 -11.73
CA ILE A 823 0.70 21.38 -11.06
C ILE A 823 0.66 20.42 -9.87
N ARG A 824 0.87 20.97 -8.67
CA ARG A 824 0.98 20.20 -7.43
C ARG A 824 -0.12 19.16 -7.28
N ASN A 825 -1.37 19.61 -7.43
CA ASN A 825 -2.42 18.71 -7.03
C ASN A 825 -2.81 17.71 -8.12
N TYR A 826 -2.40 17.92 -9.39
CA TYR A 826 -2.76 16.93 -10.41
C TYR A 826 -1.58 16.64 -11.33
N PRO A 827 -0.41 16.32 -10.75
CA PRO A 827 0.76 16.04 -11.59
C PRO A 827 0.54 14.83 -12.48
N ALA A 828 1.38 14.74 -13.51
CA ALA A 828 1.60 13.51 -14.25
C ALA A 828 0.35 13.00 -14.96
N THR A 829 -0.53 13.89 -15.38
CA THR A 829 -1.71 13.47 -16.12
C THR A 829 -1.97 14.45 -17.25
N VAL A 830 -2.92 14.11 -18.12
CA VAL A 830 -3.34 15.06 -19.13
C VAL A 830 -4.20 16.15 -18.52
N HIS A 831 -5.21 15.77 -17.74
CA HIS A 831 -6.04 16.81 -17.15
C HIS A 831 -5.18 17.78 -16.35
N GLY A 832 -4.10 17.30 -15.75
CA GLY A 832 -3.23 18.19 -15.00
C GLY A 832 -2.40 19.09 -15.90
N ALA A 833 -1.90 18.55 -17.02
CA ALA A 833 -1.24 19.38 -18.01
C ALA A 833 -2.17 20.51 -18.43
N LEU A 834 -3.35 20.14 -18.91
CA LEU A 834 -4.33 21.10 -19.38
C LEU A 834 -4.56 22.18 -18.34
N LEU A 835 -4.81 21.79 -17.09
CA LEU A 835 -5.04 22.79 -16.05
C LEU A 835 -3.84 23.73 -15.90
N SER A 836 -2.61 23.25 -16.11
CA SER A 836 -1.46 24.12 -15.91
C SER A 836 -1.33 25.13 -17.04
N GLY A 837 -1.65 24.72 -18.26
CA GLY A 837 -1.81 25.70 -19.34
C GLY A 837 -2.86 26.75 -19.01
N LEU A 838 -4.04 26.32 -18.59
CA LEU A 838 -5.09 27.28 -18.25
C LEU A 838 -4.58 28.27 -17.21
N ARG A 839 -3.79 27.80 -16.24
CA ARG A 839 -3.39 28.76 -15.22
C ARG A 839 -2.29 29.70 -15.72
N GLU A 840 -1.32 29.26 -16.53
CA GLU A 840 -0.32 30.24 -16.97
C GLU A 840 -0.93 31.28 -17.87
N ALA A 841 -1.82 30.89 -18.78
CA ALA A 841 -2.53 31.88 -19.59
C ALA A 841 -3.10 32.98 -18.72
N GLY A 842 -3.77 32.62 -17.62
CA GLY A 842 -4.32 33.63 -16.76
C GLY A 842 -3.26 34.49 -16.12
N ARG A 843 -2.21 33.86 -15.60
CA ARG A 843 -1.13 34.60 -14.96
C ARG A 843 -0.44 35.53 -15.93
N ILE A 844 -0.26 35.10 -17.17
CA ILE A 844 0.42 35.91 -18.18
C ILE A 844 -0.49 37.06 -18.60
N ALA A 845 -1.77 36.77 -18.81
CA ALA A 845 -2.70 37.84 -19.17
C ALA A 845 -2.78 38.88 -18.06
N ASP A 846 -2.85 38.45 -16.80
CA ASP A 846 -2.86 39.39 -15.69
C ASP A 846 -1.63 40.30 -15.72
N GLN A 847 -0.51 39.76 -16.19
CA GLN A 847 0.74 40.51 -16.17
C GLN A 847 0.83 41.51 -17.30
N PHE A 848 0.28 41.17 -18.47
CA PHE A 848 0.51 41.87 -19.71
C PHE A 848 -0.74 42.49 -20.28
N LEU A 849 -1.90 42.15 -19.77
CA LEU A 849 -3.12 42.84 -20.14
C LEU A 849 -3.75 43.54 -18.95
N GLY A 850 -3.16 43.42 -17.76
CA GLY A 850 -3.75 43.94 -16.54
C GLY A 850 -5.02 43.19 -16.22
N ALA A 851 -5.49 43.31 -14.98
CA ALA A 851 -6.61 42.52 -14.47
C ALA A 851 -7.62 43.47 -13.85
N MET A 852 -8.54 44.02 -14.65
CA MET A 852 -9.28 45.14 -14.13
C MET A 852 -10.25 44.74 -13.02
N TYR A 853 -10.34 43.45 -12.67
CA TYR A 853 -11.37 42.88 -11.82
C TYR A 853 -10.97 42.77 -10.33
N THR A 854 -9.96 43.52 -9.89
CA THR A 854 -9.50 43.45 -8.50
C THR A 854 -9.83 44.73 -7.72
N LEU A 855 -10.60 45.65 -8.29
CA LEU A 855 -11.00 46.86 -7.57
C LEU A 855 -12.28 46.60 -6.74
N ARG B 12 -3.93 5.58 14.00
CA ARG B 12 -3.60 5.41 15.42
C ARG B 12 -3.09 3.99 15.70
N LYS B 13 -3.53 3.01 14.92
CA LYS B 13 -3.12 1.62 15.11
C LYS B 13 -2.88 0.97 13.75
N PRO B 14 -1.98 -0.03 13.69
CA PRO B 14 -1.71 -0.70 12.41
C PRO B 14 -2.94 -1.46 11.93
N PRO B 15 -3.03 -1.74 10.63
CA PRO B 15 -4.03 -2.70 10.16
C PRO B 15 -3.96 -3.96 11.01
N LYS B 16 -5.13 -4.58 11.10
CA LYS B 16 -5.29 -5.85 11.84
C LYS B 16 -4.51 -6.88 11.03
N GLY B 17 -3.78 -7.74 11.73
CA GLY B 17 -2.98 -8.74 11.00
C GLY B 17 -1.68 -8.14 10.51
N MET B 18 -1.28 -7.01 11.06
CA MET B 18 0.03 -6.44 10.68
C MET B 18 0.74 -6.14 11.97
N PHE B 19 1.99 -6.54 12.10
CA PHE B 19 2.66 -6.26 13.38
C PHE B 19 3.83 -5.36 13.10
N LEU B 20 3.83 -4.19 13.71
CA LEU B 20 4.90 -3.19 13.52
C LEU B 20 5.18 -2.55 14.87
N SER B 21 6.41 -2.59 15.33
CA SER B 21 6.70 -1.97 16.65
C SER B 21 7.90 -1.06 16.49
N GLN B 22 7.92 0.05 17.22
CA GLN B 22 9.05 0.99 17.21
C GLN B 22 10.28 0.13 17.48
N GLU B 23 10.19 -0.64 18.57
CA GLU B 23 11.21 -1.63 18.89
C GLU B 23 11.60 -2.48 17.68
N ASP B 24 10.60 -2.99 16.96
CA ASP B 24 10.86 -3.94 15.88
C ASP B 24 11.64 -3.31 14.75
N VAL B 25 11.30 -2.06 14.37
CA VAL B 25 11.80 -1.52 13.11
C VAL B 25 13.29 -1.19 13.21
N GLU B 26 13.75 -0.70 14.36
CA GLU B 26 15.15 -0.31 14.50
C GLU B 26 16.06 -1.52 14.37
N ALA B 27 15.64 -2.65 14.96
CA ALA B 27 16.46 -3.86 14.92
C ALA B 27 16.56 -4.41 13.51
N VAL B 28 15.53 -4.20 12.69
CA VAL B 28 15.54 -4.69 11.32
C VAL B 28 16.26 -3.72 10.38
N SER B 29 16.40 -2.46 10.78
CA SER B 29 16.98 -1.43 9.93
C SER B 29 18.39 -1.04 10.35
N ALA B 30 18.92 -1.58 11.46
CA ALA B 30 20.11 -1.01 12.08
C ALA B 30 21.36 -1.17 11.21
N ASN B 31 21.44 -2.21 10.39
CA ASN B 31 22.56 -2.30 9.46
C ASN B 31 21.98 -2.74 8.12
N ALA B 32 22.85 -3.10 7.18
CA ALA B 32 22.35 -3.49 5.86
C ALA B 32 21.83 -4.93 5.85
N THR B 33 22.34 -5.80 6.71
CA THR B 33 21.93 -7.20 6.80
C THR B 33 21.10 -7.52 8.03
N ALA B 34 20.80 -6.53 8.88
CA ALA B 34 20.13 -6.78 10.16
C ALA B 34 18.82 -7.51 9.97
N ALA B 35 18.20 -7.40 8.80
CA ALA B 35 16.99 -8.15 8.51
C ALA B 35 17.26 -9.65 8.43
N THR B 36 18.12 -10.08 7.50
CA THR B 36 18.45 -11.50 7.43
C THR B 36 19.07 -12.01 8.74
N THR B 37 19.85 -11.18 9.43
CA THR B 37 20.41 -11.61 10.71
C THR B 37 19.30 -11.88 11.74
N VAL B 38 18.46 -10.88 12.03
CA VAL B 38 17.31 -11.10 12.92
C VAL B 38 16.47 -12.29 12.49
N LEU B 39 16.15 -12.38 11.21
CA LEU B 39 15.37 -13.52 10.73
C LEU B 39 16.07 -14.87 10.92
N ARG B 40 17.40 -14.92 10.76
CA ARG B 40 18.12 -16.21 10.75
C ARG B 40 18.51 -16.70 12.14
N GLN B 41 18.55 -15.82 13.15
CA GLN B 41 18.55 -16.34 14.51
C GLN B 41 17.29 -17.13 14.74
N LEU B 42 16.13 -16.53 14.45
CA LEU B 42 14.87 -17.19 14.71
C LEU B 42 14.72 -18.50 13.89
N ASP B 43 15.35 -18.64 12.71
CA ASP B 43 15.22 -19.97 12.09
C ASP B 43 15.98 -20.96 12.96
N MET B 44 17.09 -20.51 13.54
CA MET B 44 17.91 -21.37 14.38
C MET B 44 17.21 -21.63 15.71
N GLU B 45 16.72 -20.56 16.34
CA GLU B 45 15.98 -20.72 17.59
C GLU B 45 14.78 -21.66 17.40
N LEU B 46 14.17 -21.64 16.21
CA LEU B 46 13.11 -22.59 15.94
C LEU B 46 13.64 -24.01 15.79
N VAL B 47 14.76 -24.20 15.10
CA VAL B 47 15.19 -25.57 14.82
C VAL B 47 15.75 -26.23 16.08
N SER B 48 16.35 -25.46 16.98
CA SER B 48 16.89 -26.06 18.20
C SER B 48 15.77 -26.44 19.16
N VAL B 49 14.71 -25.65 19.24
CA VAL B 49 13.57 -26.04 20.05
C VAL B 49 12.88 -27.26 19.45
N LYS B 50 12.84 -27.33 18.13
CA LYS B 50 12.25 -28.50 17.50
C LYS B 50 13.04 -29.75 17.83
N ARG B 51 14.37 -29.69 17.73
CA ARG B 51 15.16 -30.87 18.08
C ARG B 51 15.12 -31.12 19.58
N GLN B 52 14.91 -30.08 20.39
CA GLN B 52 14.75 -30.31 21.81
C GLN B 52 13.44 -31.02 22.10
N ILE B 53 12.38 -30.73 21.31
CA ILE B 53 11.15 -31.49 21.43
C ILE B 53 11.37 -32.95 21.10
N GLN B 54 11.92 -33.24 19.92
CA GLN B 54 12.05 -34.65 19.59
C GLN B 54 12.98 -35.37 20.54
N ASN B 55 13.71 -34.64 21.38
CA ASN B 55 14.63 -35.29 22.30
C ASN B 55 13.76 -35.87 23.40
N ILE B 56 13.15 -34.96 24.16
CA ILE B 56 12.26 -35.25 25.27
C ILE B 56 11.07 -36.08 24.81
N LYS B 57 10.67 -35.96 23.56
CA LYS B 57 9.62 -36.84 23.08
C LYS B 57 10.11 -38.28 23.10
N GLN B 58 11.42 -38.49 22.92
CA GLN B 58 11.96 -39.83 22.98
C GLN B 58 12.33 -40.21 24.42
N THR B 59 12.65 -39.23 25.30
CA THR B 59 12.92 -39.71 26.65
C THR B 59 11.62 -40.11 27.32
N ASN B 60 10.50 -39.40 27.08
CA ASN B 60 9.28 -39.87 27.70
C ASN B 60 8.68 -41.05 26.95
N SER B 61 9.18 -41.36 25.76
CA SER B 61 8.83 -42.63 25.15
C SER B 61 9.35 -43.77 26.00
N ALA B 62 10.62 -43.69 26.39
CA ALA B 62 11.23 -44.71 27.23
C ALA B 62 10.47 -44.88 28.54
N LEU B 63 10.01 -43.78 29.15
CA LEU B 63 9.46 -43.92 30.49
C LEU B 63 8.05 -44.47 30.45
N LYS B 64 7.35 -44.31 29.32
CA LYS B 64 6.08 -44.99 29.15
C LYS B 64 6.28 -46.50 29.04
N GLU B 65 7.43 -46.95 28.52
CA GLU B 65 7.59 -48.39 28.36
C GLU B 65 7.96 -49.02 29.70
N LYS B 66 8.74 -48.30 30.53
CA LYS B 66 8.98 -48.73 31.90
C LYS B 66 7.70 -48.80 32.73
N LEU B 67 6.60 -48.28 32.20
CA LEU B 67 5.33 -48.30 32.96
C LEU B 67 4.35 -49.24 32.29
N ASP B 68 4.83 -50.24 31.56
CA ASP B 68 3.86 -51.14 30.90
C ASP B 68 3.03 -51.83 31.97
N GLY B 69 1.71 -51.88 31.77
CA GLY B 69 0.78 -52.58 32.68
C GLY B 69 0.38 -51.78 33.89
N GLY B 70 0.86 -50.56 34.02
CA GLY B 70 0.49 -49.75 35.19
C GLY B 70 0.86 -50.46 36.47
N ILE B 71 -0.06 -50.46 37.43
CA ILE B 71 0.17 -51.12 38.73
C ILE B 71 -1.02 -52.05 39.01
N GLU B 72 -1.56 -52.66 37.97
CA GLU B 72 -2.74 -53.53 38.16
C GLU B 72 -2.42 -54.76 39.00
N PRO B 73 -1.26 -55.42 38.83
CA PRO B 73 -0.95 -56.60 39.61
C PRO B 73 -0.71 -56.29 41.08
N TYR B 74 -0.25 -55.09 41.38
CA TYR B 74 0.14 -54.69 42.75
C TYR B 74 -1.05 -54.11 43.51
N ARG B 75 -2.21 -54.04 42.89
CA ARG B 75 -3.39 -53.47 43.59
C ARG B 75 -3.99 -54.48 44.56
N LEU B 76 -4.65 -54.00 45.61
CA LEU B 76 -5.28 -54.88 46.61
C LEU B 76 -6.77 -54.57 46.66
N PRO B 77 -7.63 -55.58 46.85
CA PRO B 77 -9.07 -55.38 46.87
C PRO B 77 -9.54 -54.49 48.03
N GLU B 78 -10.62 -53.75 47.81
CA GLU B 78 -11.18 -52.80 48.81
C GLU B 78 -11.70 -53.55 50.04
N VAL B 79 -11.43 -53.00 51.22
CA VAL B 79 -11.90 -53.61 52.49
C VAL B 79 -13.13 -52.82 52.91
N ILE B 80 -14.29 -53.35 52.57
CA ILE B 80 -15.60 -52.73 52.82
C ILE B 80 -16.05 -53.21 54.19
N GLN B 81 -15.83 -52.39 55.23
CA GLN B 81 -16.01 -52.86 56.60
C GLN B 81 -16.81 -51.85 57.40
N LYS B 82 -17.97 -52.28 57.90
CA LYS B 82 -18.84 -51.40 58.67
C LYS B 82 -18.13 -50.89 59.91
N CYS B 83 -18.33 -49.60 60.20
CA CYS B 83 -17.61 -48.93 61.27
C CYS B 83 -18.24 -49.24 62.63
N ASN B 84 -17.46 -49.87 63.51
CA ASN B 84 -17.89 -50.20 64.86
C ASN B 84 -17.52 -49.07 65.83
N ALA B 85 -17.87 -49.24 67.09
CA ALA B 85 -17.67 -48.18 68.07
C ALA B 85 -16.91 -48.65 69.30
N ARG B 86 -17.08 -49.91 69.71
CA ARG B 86 -16.38 -50.48 70.85
C ARG B 86 -14.92 -50.81 70.48
N TRP B 87 -14.06 -50.83 71.50
CA TRP B 87 -12.60 -50.98 71.35
C TRP B 87 -12.12 -52.33 71.88
N THR B 88 -12.07 -53.37 71.05
CA THR B 88 -11.45 -54.60 71.53
C THR B 88 -9.96 -54.34 71.78
N THR B 89 -9.40 -55.05 72.76
CA THR B 89 -7.99 -54.93 73.09
C THR B 89 -7.10 -55.01 71.85
N GLU B 90 -7.52 -55.78 70.85
CA GLU B 90 -6.74 -55.95 69.64
C GLU B 90 -6.65 -54.62 68.90
N GLU B 91 -7.81 -54.04 68.59
CA GLU B 91 -7.78 -52.76 67.89
C GLU B 91 -7.22 -51.67 68.78
N GLN B 92 -7.17 -51.88 70.09
CA GLN B 92 -6.48 -50.92 70.94
C GLN B 92 -4.98 -50.95 70.67
N LEU B 93 -4.40 -52.14 70.59
CA LEU B 93 -2.96 -52.27 70.43
C LEU B 93 -2.51 -51.93 69.03
N LEU B 94 -3.36 -52.20 68.02
CA LEU B 94 -3.07 -51.68 66.69
C LEU B 94 -2.94 -50.16 66.74
N ALA B 95 -3.82 -49.51 67.53
CA ALA B 95 -3.82 -48.05 67.62
C ALA B 95 -2.47 -47.53 68.11
N VAL B 96 -2.07 -47.93 69.32
CA VAL B 96 -0.82 -47.44 69.91
C VAL B 96 0.36 -47.64 68.98
N GLN B 97 0.30 -48.63 68.10
CA GLN B 97 1.42 -48.81 67.19
C GLN B 97 1.36 -47.87 66.01
N ALA B 98 0.15 -47.48 65.60
CA ALA B 98 0.01 -46.55 64.48
C ALA B 98 0.42 -45.14 64.88
N ILE B 99 -0.05 -44.70 66.05
CA ILE B 99 0.46 -43.48 66.67
C ILE B 99 1.97 -43.44 66.63
N ARG B 100 2.62 -44.57 66.91
CA ARG B 100 4.08 -44.61 66.86
C ARG B 100 4.61 -44.52 65.44
N LYS B 101 3.81 -44.90 64.45
CA LYS B 101 4.27 -44.89 63.07
C LYS B 101 3.73 -43.72 62.28
N TYR B 102 2.70 -43.03 62.79
CA TYR B 102 2.02 -42.04 61.98
C TYR B 102 1.78 -40.69 62.66
N GLY B 103 2.24 -40.48 63.89
CA GLY B 103 2.09 -39.17 64.48
C GLY B 103 0.62 -38.84 64.70
N ARG B 104 0.12 -37.73 64.13
CA ARG B 104 -1.28 -37.36 64.34
C ARG B 104 -2.09 -37.49 63.05
N ASP B 105 -1.65 -38.28 62.07
CA ASP B 105 -2.37 -38.41 60.81
C ASP B 105 -3.57 -39.33 61.04
N PHE B 106 -4.69 -38.78 61.53
CA PHE B 106 -5.54 -39.79 62.13
C PHE B 106 -6.31 -40.53 61.03
N GLN B 107 -6.17 -40.07 59.78
CA GLN B 107 -6.75 -40.79 58.67
C GLN B 107 -6.03 -42.12 58.45
N ALA B 108 -4.70 -42.08 58.34
CA ALA B 108 -3.94 -43.31 58.20
C ALA B 108 -4.24 -44.26 59.35
N ILE B 109 -4.30 -43.73 60.57
CA ILE B 109 -4.58 -44.57 61.73
C ILE B 109 -5.98 -45.14 61.66
N SER B 110 -6.95 -44.36 61.20
CA SER B 110 -8.28 -44.91 60.98
C SER B 110 -8.30 -45.95 59.87
N ASP B 111 -7.34 -45.91 58.95
CA ASP B 111 -7.29 -46.91 57.87
C ASP B 111 -6.72 -48.23 58.36
N VAL B 112 -5.63 -48.16 59.13
CA VAL B 112 -5.03 -49.34 59.72
C VAL B 112 -6.07 -50.13 60.52
N ILE B 113 -6.64 -49.49 61.54
CA ILE B 113 -7.57 -50.20 62.42
C ILE B 113 -8.82 -50.60 61.67
N GLY B 114 -9.17 -49.88 60.61
CA GLY B 114 -10.22 -50.31 59.72
C GLY B 114 -11.62 -49.96 60.15
N ASN B 115 -12.03 -50.40 61.34
CA ASN B 115 -13.42 -50.29 61.75
C ASN B 115 -13.67 -49.08 62.64
N LYS B 116 -12.76 -48.13 62.69
CA LYS B 116 -12.97 -46.92 63.46
C LYS B 116 -12.76 -45.70 62.59
N SER B 117 -13.69 -44.75 62.70
CA SER B 117 -13.64 -43.52 61.93
C SER B 117 -12.78 -42.49 62.65
N VAL B 118 -12.42 -41.44 61.88
CA VAL B 118 -11.38 -40.49 62.26
C VAL B 118 -11.71 -39.73 63.54
N VAL B 119 -12.99 -39.69 63.93
CA VAL B 119 -13.37 -38.98 65.15
C VAL B 119 -13.03 -39.81 66.39
N GLN B 120 -13.42 -41.08 66.44
CA GLN B 120 -13.12 -41.82 67.66
C GLN B 120 -11.64 -42.12 67.78
N VAL B 121 -10.89 -42.00 66.69
CA VAL B 121 -9.43 -41.95 66.80
C VAL B 121 -9.03 -40.74 67.63
N LYS B 122 -9.58 -39.56 67.29
CA LYS B 122 -9.38 -38.37 68.12
C LYS B 122 -9.82 -38.62 69.55
N ASN B 123 -11.03 -39.16 69.73
CA ASN B 123 -11.54 -39.51 71.06
C ASN B 123 -10.56 -40.42 71.79
N PHE B 124 -10.07 -41.45 71.09
CA PHE B 124 -9.12 -42.39 71.68
C PHE B 124 -7.92 -41.65 72.26
N PHE B 125 -7.36 -40.72 71.48
CA PHE B 125 -6.20 -39.95 71.88
C PHE B 125 -6.36 -39.29 73.24
N VAL B 126 -7.57 -39.21 73.75
CA VAL B 126 -7.86 -38.43 74.93
C VAL B 126 -8.33 -39.32 76.07
N ASN B 127 -9.31 -40.19 75.80
CA ASN B 127 -9.77 -41.13 76.81
C ASN B 127 -8.61 -42.02 77.28
N TYR B 128 -7.95 -42.68 76.35
CA TYR B 128 -6.88 -43.61 76.68
C TYR B 128 -5.52 -42.91 76.74
N ARG B 129 -5.51 -41.58 76.85
CA ARG B 129 -4.26 -40.81 76.79
C ARG B 129 -3.36 -41.11 77.98
N ARG B 130 -3.93 -41.15 79.19
CA ARG B 130 -3.14 -41.45 80.37
C ARG B 130 -2.54 -42.84 80.28
N ARG B 131 -3.39 -43.84 80.03
CA ARG B 131 -3.11 -45.24 80.30
C ARG B 131 -2.17 -45.85 79.26
N PHE B 132 -2.32 -45.43 78.00
CA PHE B 132 -1.47 -45.86 76.90
C PHE B 132 -0.34 -44.91 76.65
N ASN B 133 -0.29 -43.84 77.41
CA ASN B 133 0.92 -43.08 77.59
C ASN B 133 1.31 -42.44 76.25
N ILE B 134 0.27 -41.98 75.52
CA ILE B 134 0.37 -41.49 74.13
C ILE B 134 1.35 -40.34 73.99
N ASP B 135 1.44 -39.51 75.03
CA ASP B 135 2.35 -38.35 74.98
C ASP B 135 3.76 -38.84 74.67
N GLU B 136 4.21 -39.83 75.44
CA GLU B 136 5.58 -40.36 75.27
C GLU B 136 5.71 -40.96 73.88
N VAL B 137 4.68 -41.65 73.41
CA VAL B 137 4.80 -42.27 72.06
C VAL B 137 5.01 -41.19 71.04
N LEU B 138 4.24 -40.11 71.12
CA LEU B 138 4.35 -39.05 70.09
C LEU B 138 5.76 -38.46 70.11
N GLN B 139 6.34 -38.25 71.28
CA GLN B 139 7.71 -37.71 71.34
C GLN B 139 8.65 -38.67 70.62
N GLU B 140 8.49 -39.98 70.85
CA GLU B 140 9.36 -40.98 70.19
C GLU B 140 9.19 -40.84 68.68
N TRP B 141 7.95 -40.67 68.21
CA TRP B 141 7.67 -40.50 66.76
C TRP B 141 8.33 -39.23 66.25
N GLU B 142 8.36 -38.17 67.06
CA GLU B 142 8.97 -36.92 66.57
C GLU B 142 10.45 -37.17 66.24
N ALA B 143 11.16 -37.91 67.07
CA ALA B 143 12.60 -38.17 66.82
C ALA B 143 12.79 -38.79 65.43
N GLU B 144 11.85 -39.58 64.95
CA GLU B 144 11.93 -40.11 63.59
C GLU B 144 12.10 -38.99 62.55
#